data_4XDK
#
_entry.id   4XDK
#
_cell.length_a   75.190
_cell.length_b   113.030
_cell.length_c   112.500
_cell.angle_alpha   90.00
_cell.angle_beta   90.41
_cell.angle_gamma   90.00
#
_symmetry.space_group_name_H-M   'P 1 21 1'
#
loop_
_entity.id
_entity.type
_entity.pdbx_description
1 polymer 'Potassium channel subfamily K member 10'
2 non-polymer 'POTASSIUM ION'
3 non-polymer 1,2-DIACYL-SN-GLYCERO-3-PHOSPHOCHOLINE
4 non-polymer (3R)-3-phenyl-3-[4-(trifluoromethyl)phenoxy]propan-1-amine
5 non-polymer (3S)-3-phenyl-3-[4-(trifluoromethyl)phenoxy]propan-1-amine
#
_entity_poly.entity_id   1
_entity_poly.type   'polypeptide(L)'
_entity_poly.pdbx_seq_one_letter_code
;MGLQTVMKWKTVVAIFVVVVVYLVTGGLVFRALEQPFESSQKNTIALEKAEFLRDHVCVSPQELETLIQHALDADNAGVS
PIGNSSNNSSHWDLGSAFFFAGTVITTIGYGNIAPSTEGGKIFCILYAIFGIPLFGFLLAGIGDQLGTIFGKSIARVEKV
FRKKQVSQTKIRVISTILFILAGCIVFVTIPAVIFKYIEGWTALESIYFVVVTLTTVGFGDFVAGGNAGINYREWYKPLV
WFWILVGLAYFAAVLSMIGDWLRVLSKKTKEEVGEAENLYFQ
;
_entity_poly.pdbx_strand_id   A,B,C,D
#
# COMPACT_ATOMS: atom_id res chain seq x y z
N LYS A 8 -28.93 14.32 -45.07
CA LYS A 8 -29.35 15.67 -44.68
C LYS A 8 -29.34 15.82 -43.15
N TRP A 9 -28.90 16.99 -42.65
CA TRP A 9 -28.82 17.30 -41.20
C TRP A 9 -30.21 17.47 -40.56
N LYS A 10 -31.24 17.84 -41.37
CA LYS A 10 -32.61 18.02 -40.91
C LYS A 10 -33.19 16.68 -40.43
N THR A 11 -32.88 15.59 -41.15
CA THR A 11 -33.31 14.23 -40.82
C THR A 11 -32.48 13.65 -39.67
N VAL A 12 -31.20 14.07 -39.52
CA VAL A 12 -30.28 13.64 -38.45
C VAL A 12 -30.84 14.14 -37.11
N VAL A 13 -31.22 15.43 -37.04
CA VAL A 13 -31.81 16.06 -35.85
C VAL A 13 -33.18 15.41 -35.58
N ALA A 14 -33.93 15.04 -36.64
CA ALA A 14 -35.23 14.37 -36.55
C ALA A 14 -35.08 12.98 -35.91
N ILE A 15 -34.06 12.18 -36.34
CA ILE A 15 -33.78 10.84 -35.78
C ILE A 15 -33.37 11.00 -34.30
N PHE A 16 -32.58 12.05 -33.98
CA PHE A 16 -32.14 12.35 -32.61
C PHE A 16 -33.33 12.55 -31.67
N VAL A 17 -34.38 13.27 -32.12
CA VAL A 17 -35.59 13.52 -31.34
C VAL A 17 -36.32 12.19 -31.13
N VAL A 18 -36.50 11.39 -32.20
CA VAL A 18 -37.14 10.07 -32.16
C VAL A 18 -36.43 9.17 -31.14
N VAL A 19 -35.08 9.15 -31.15
CA VAL A 19 -34.23 8.37 -30.25
C VAL A 19 -34.38 8.86 -28.79
N VAL A 20 -34.26 10.19 -28.54
CA VAL A 20 -34.37 10.79 -27.19
C VAL A 20 -35.76 10.51 -26.60
N VAL A 21 -36.82 10.62 -27.42
CA VAL A 21 -38.21 10.32 -27.02
C VAL A 21 -38.30 8.82 -26.69
N TYR A 22 -37.67 7.96 -27.53
CA TYR A 22 -37.64 6.51 -27.39
C TYR A 22 -37.01 6.08 -26.07
N LEU A 23 -35.93 6.76 -25.63
CA LEU A 23 -35.23 6.45 -24.37
C LEU A 23 -36.05 6.92 -23.16
N VAL A 24 -36.81 8.03 -23.29
CA VAL A 24 -37.69 8.53 -22.23
C VAL A 24 -38.86 7.56 -22.10
N THR A 25 -39.47 7.16 -23.25
CA THR A 25 -40.56 6.18 -23.34
C THR A 25 -40.10 4.87 -22.69
N GLY A 26 -38.95 4.35 -23.15
CA GLY A 26 -38.34 3.12 -22.65
C GLY A 26 -38.04 3.17 -21.18
N GLY A 27 -37.45 4.29 -20.74
CA GLY A 27 -37.10 4.55 -19.35
C GLY A 27 -38.30 4.52 -18.42
N LEU A 28 -39.43 5.11 -18.87
CA LEU A 28 -40.68 5.13 -18.13
C LEU A 28 -41.32 3.75 -18.04
N VAL A 29 -41.25 2.95 -19.13
CA VAL A 29 -41.80 1.59 -19.18
C VAL A 29 -40.99 0.66 -18.26
N PHE A 30 -39.65 0.74 -18.32
CA PHE A 30 -38.75 -0.09 -17.51
C PHE A 30 -38.93 0.18 -16.02
N ARG A 31 -39.03 1.47 -15.61
CA ARG A 31 -39.23 1.83 -14.20
C ARG A 31 -40.60 1.39 -13.70
N ALA A 32 -41.63 1.41 -14.56
CA ALA A 32 -42.98 0.98 -14.20
C ALA A 32 -43.02 -0.53 -13.97
N LEU A 33 -42.21 -1.28 -14.74
CA LEU A 33 -42.12 -2.73 -14.67
C LEU A 33 -41.18 -3.25 -13.58
N GLU A 34 -40.04 -2.56 -13.36
CA GLU A 34 -38.96 -3.01 -12.47
C GLU A 34 -38.91 -2.39 -11.07
N GLN A 35 -39.18 -1.07 -10.91
CA GLN A 35 -39.12 -0.38 -9.61
C GLN A 35 -39.98 -1.09 -8.52
N PRO A 36 -41.21 -1.62 -8.78
CA PRO A 36 -41.94 -2.29 -7.68
C PRO A 36 -41.21 -3.52 -7.13
N PHE A 37 -40.60 -4.34 -8.03
CA PHE A 37 -39.82 -5.52 -7.65
C PHE A 37 -38.50 -5.12 -6.97
N GLU A 38 -37.89 -4.00 -7.43
CA GLU A 38 -36.65 -3.45 -6.88
C GLU A 38 -36.86 -3.04 -5.43
N SER A 39 -38.00 -2.40 -5.14
CA SER A 39 -38.41 -1.97 -3.80
C SER A 39 -38.77 -3.19 -2.95
N SER A 40 -39.33 -4.24 -3.59
CA SER A 40 -39.72 -5.50 -2.95
C SER A 40 -38.49 -6.27 -2.48
N GLN A 41 -37.42 -6.25 -3.29
CA GLN A 41 -36.14 -6.91 -2.98
C GLN A 41 -35.41 -6.16 -1.89
N LYS A 42 -35.43 -4.81 -1.95
CA LYS A 42 -34.78 -3.89 -1.02
C LYS A 42 -35.29 -4.11 0.42
N ASN A 43 -36.60 -4.36 0.53
CA ASN A 43 -37.29 -4.62 1.79
C ASN A 43 -36.90 -5.99 2.33
N THR A 44 -36.75 -6.99 1.44
CA THR A 44 -36.42 -8.36 1.78
C THR A 44 -34.99 -8.48 2.32
N ILE A 45 -33.98 -7.89 1.63
CA ILE A 45 -32.58 -7.94 2.06
C ILE A 45 -32.40 -7.27 3.43
N ALA A 46 -33.08 -6.14 3.67
CA ALA A 46 -33.04 -5.40 4.93
C ALA A 46 -33.58 -6.24 6.09
N LEU A 47 -34.66 -7.02 5.81
CA LEU A 47 -35.32 -7.90 6.77
C LEU A 47 -34.48 -9.15 7.02
N GLU A 48 -33.94 -9.78 5.95
CA GLU A 48 -33.11 -11.00 6.04
C GLU A 48 -31.86 -10.76 6.90
N LYS A 49 -31.20 -9.59 6.71
CA LYS A 49 -30.02 -9.17 7.46
C LYS A 49 -30.34 -8.92 8.92
N ALA A 50 -31.42 -8.13 9.19
CA ALA A 50 -31.87 -7.78 10.53
C ALA A 50 -32.31 -9.01 11.31
N GLU A 51 -33.02 -9.95 10.66
CA GLU A 51 -33.49 -11.20 11.27
C GLU A 51 -32.31 -12.12 11.60
N PHE A 52 -31.23 -12.06 10.78
CA PHE A 52 -30.02 -12.85 11.00
C PHE A 52 -29.34 -12.41 12.28
N LEU A 53 -29.19 -11.08 12.47
CA LEU A 53 -28.55 -10.49 13.65
C LEU A 53 -29.35 -10.72 14.94
N ARG A 54 -30.68 -10.89 14.85
CA ARG A 54 -31.48 -11.15 16.05
C ARG A 54 -31.34 -12.61 16.46
N ASP A 55 -31.18 -13.52 15.48
CA ASP A 55 -31.02 -14.95 15.74
C ASP A 55 -29.59 -15.25 16.19
N HIS A 56 -28.60 -14.54 15.61
CA HIS A 56 -27.18 -14.69 15.92
C HIS A 56 -26.68 -13.44 16.63
N VAL A 57 -26.85 -13.42 17.96
CA VAL A 57 -26.48 -12.32 18.85
C VAL A 57 -24.96 -12.13 18.96
N CYS A 58 -24.19 -13.23 18.79
CA CYS A 58 -22.72 -13.24 18.87
C CYS A 58 -22.06 -12.45 17.70
N VAL A 59 -22.84 -12.16 16.63
CA VAL A 59 -22.41 -11.39 15.45
C VAL A 59 -22.85 -9.93 15.60
N SER A 60 -21.92 -8.98 15.37
CA SER A 60 -22.19 -7.54 15.41
C SER A 60 -22.70 -7.08 14.04
N PRO A 61 -23.47 -5.95 13.94
CA PRO A 61 -23.95 -5.51 12.62
C PRO A 61 -22.81 -5.12 11.68
N GLN A 62 -21.68 -4.64 12.23
CA GLN A 62 -20.52 -4.24 11.44
C GLN A 62 -19.73 -5.43 10.92
N GLU A 63 -19.44 -6.46 11.77
CA GLU A 63 -18.68 -7.64 11.32
C GLU A 63 -19.55 -8.54 10.40
N LEU A 64 -20.84 -8.17 10.25
CA LEU A 64 -21.77 -8.79 9.33
C LEU A 64 -21.52 -8.17 7.96
N GLU A 65 -21.48 -6.81 7.89
CA GLU A 65 -21.19 -6.03 6.67
C GLU A 65 -19.88 -6.47 6.06
N THR A 66 -18.84 -6.65 6.91
CA THR A 66 -17.50 -7.07 6.53
C THR A 66 -17.56 -8.43 5.83
N LEU A 67 -18.34 -9.40 6.39
CA LEU A 67 -18.52 -10.73 5.82
C LEU A 67 -19.24 -10.66 4.48
N ILE A 68 -20.31 -9.82 4.37
CA ILE A 68 -21.06 -9.63 3.13
C ILE A 68 -20.11 -9.05 2.07
N GLN A 69 -19.31 -8.03 2.45
CA GLN A 69 -18.33 -7.39 1.57
C GLN A 69 -17.31 -8.41 1.05
N HIS A 70 -16.79 -9.28 1.94
CA HIS A 70 -15.85 -10.34 1.57
C HIS A 70 -16.49 -11.31 0.56
N ALA A 71 -17.77 -11.63 0.75
CA ALA A 71 -18.52 -12.52 -0.13
C ALA A 71 -18.77 -11.85 -1.49
N LEU A 72 -19.06 -10.53 -1.48
CA LEU A 72 -19.31 -9.78 -2.71
C LEU A 72 -18.02 -9.61 -3.52
N ASP A 73 -16.90 -9.25 -2.85
CA ASP A 73 -15.60 -9.07 -3.48
C ASP A 73 -15.12 -10.37 -4.13
N ALA A 74 -15.49 -11.53 -3.55
CA ALA A 74 -15.17 -12.86 -4.06
C ALA A 74 -15.93 -13.14 -5.33
N ASP A 75 -17.25 -12.88 -5.34
CA ASP A 75 -18.12 -13.09 -6.50
C ASP A 75 -17.75 -12.13 -7.63
N ASN A 76 -17.39 -10.87 -7.27
CA ASN A 76 -16.94 -9.82 -8.20
C ASN A 76 -15.63 -10.25 -8.89
N ALA A 77 -14.76 -10.98 -8.16
CA ALA A 77 -13.51 -11.51 -8.70
C ALA A 77 -13.78 -12.72 -9.61
N GLY A 78 -14.92 -13.39 -9.41
CA GLY A 78 -15.34 -14.56 -10.19
C GLY A 78 -15.30 -15.87 -9.43
N VAL A 79 -15.18 -15.81 -8.09
CA VAL A 79 -15.15 -16.97 -7.20
C VAL A 79 -16.43 -16.98 -6.36
N SER A 80 -17.27 -18.02 -6.53
CA SER A 80 -18.54 -18.15 -5.80
C SER A 80 -18.29 -18.30 -4.30
N PRO A 81 -18.86 -17.42 -3.45
CA PRO A 81 -18.65 -17.56 -2.00
C PRO A 81 -19.54 -18.65 -1.38
N ILE A 82 -20.25 -19.44 -2.22
CA ILE A 82 -21.12 -20.54 -1.80
C ILE A 82 -20.34 -21.86 -1.93
N GLY A 83 -20.12 -22.55 -0.82
CA GLY A 83 -19.40 -23.82 -0.79
C GLY A 83 -17.91 -23.76 -1.10
N ASN A 84 -17.22 -24.91 -0.96
CA ASN A 84 -15.77 -25.01 -1.23
C ASN A 84 -15.51 -25.45 -2.67
N SER A 90 -12.36 -23.85 -12.26
CA SER A 90 -11.78 -22.54 -12.60
C SER A 90 -12.51 -21.85 -13.75
N HIS A 91 -12.51 -20.51 -13.73
CA HIS A 91 -13.12 -19.65 -14.74
C HIS A 91 -12.10 -19.21 -15.79
N TRP A 92 -10.80 -19.48 -15.54
CA TRP A 92 -9.73 -19.11 -16.45
C TRP A 92 -8.99 -20.34 -16.98
N ASP A 93 -9.70 -21.45 -17.25
CA ASP A 93 -9.09 -22.65 -17.83
C ASP A 93 -8.92 -22.42 -19.33
N LEU A 94 -8.07 -23.23 -20.02
CA LEU A 94 -7.79 -23.11 -21.46
C LEU A 94 -9.07 -22.90 -22.29
N GLY A 95 -10.11 -23.67 -21.98
CA GLY A 95 -11.40 -23.61 -22.65
C GLY A 95 -12.24 -22.41 -22.29
N SER A 96 -12.40 -22.13 -20.99
CA SER A 96 -13.19 -21.01 -20.45
C SER A 96 -12.59 -19.65 -20.85
N ALA A 97 -11.25 -19.53 -20.87
CA ALA A 97 -10.52 -18.32 -21.26
C ALA A 97 -10.61 -18.09 -22.77
N PHE A 98 -10.77 -19.19 -23.55
CA PHE A 98 -10.97 -19.13 -25.01
C PHE A 98 -12.34 -18.50 -25.27
N PHE A 99 -13.38 -18.94 -24.52
CA PHE A 99 -14.73 -18.40 -24.65
C PHE A 99 -14.74 -16.94 -24.20
N PHE A 100 -14.03 -16.59 -23.11
CA PHE A 100 -13.93 -15.19 -22.66
C PHE A 100 -13.36 -14.33 -23.78
N ALA A 101 -12.28 -14.82 -24.43
CA ALA A 101 -11.63 -14.14 -25.56
C ALA A 101 -12.67 -13.89 -26.64
N GLY A 102 -13.44 -14.92 -26.99
CA GLY A 102 -14.53 -14.86 -27.96
C GLY A 102 -15.64 -13.91 -27.59
N THR A 103 -15.86 -13.69 -26.27
CA THR A 103 -16.88 -12.79 -25.72
C THR A 103 -16.45 -11.32 -25.96
N VAL A 104 -15.13 -11.04 -25.90
CA VAL A 104 -14.51 -9.71 -26.11
C VAL A 104 -14.61 -9.32 -27.61
N ILE A 105 -14.17 -10.23 -28.50
CA ILE A 105 -14.08 -10.11 -29.97
C ILE A 105 -15.48 -9.87 -30.58
N THR A 106 -16.51 -10.58 -30.08
CA THR A 106 -17.89 -10.45 -30.56
C THR A 106 -18.58 -9.18 -30.01
N THR A 107 -17.91 -8.45 -29.08
CA THR A 107 -18.37 -7.25 -28.36
C THR A 107 -19.58 -7.56 -27.45
N ILE A 108 -19.84 -8.85 -27.18
CA ILE A 108 -20.95 -9.29 -26.32
C ILE A 108 -20.65 -8.85 -24.89
N GLY A 109 -19.42 -9.14 -24.43
CA GLY A 109 -18.93 -8.79 -23.10
C GLY A 109 -19.89 -9.02 -21.96
N TYR A 110 -20.20 -10.30 -21.66
CA TYR A 110 -21.15 -10.71 -20.63
C TYR A 110 -20.85 -10.03 -19.28
N GLY A 111 -19.62 -10.16 -18.82
CA GLY A 111 -19.23 -9.54 -17.56
C GLY A 111 -19.25 -10.46 -16.35
N ASN A 112 -19.82 -11.70 -16.50
CA ASN A 112 -19.84 -12.72 -15.44
C ASN A 112 -18.39 -13.05 -15.05
N ILE A 113 -17.49 -13.01 -16.06
CA ILE A 113 -16.04 -13.16 -15.98
C ILE A 113 -15.44 -11.88 -16.61
N ALA A 114 -14.55 -11.20 -15.88
CA ALA A 114 -13.90 -9.96 -16.33
C ALA A 114 -12.45 -9.90 -15.82
N PRO A 115 -11.48 -9.27 -16.57
CA PRO A 115 -10.11 -9.22 -16.08
C PRO A 115 -9.96 -8.41 -14.79
N SER A 116 -9.44 -9.05 -13.74
CA SER A 116 -9.24 -8.48 -12.41
C SER A 116 -7.83 -7.88 -12.26
N THR A 117 -6.82 -8.56 -12.86
CA THR A 117 -5.41 -8.19 -12.86
C THR A 117 -5.20 -6.89 -13.64
N GLU A 118 -4.32 -6.00 -13.11
CA GLU A 118 -3.94 -4.73 -13.74
C GLU A 118 -3.40 -5.00 -15.16
N GLY A 119 -2.55 -6.02 -15.28
CA GLY A 119 -1.98 -6.46 -16.54
C GLY A 119 -3.00 -7.12 -17.43
N GLY A 120 -3.93 -7.85 -16.81
CA GLY A 120 -5.04 -8.52 -17.47
C GLY A 120 -5.98 -7.52 -18.13
N LYS A 121 -6.11 -6.32 -17.52
CA LYS A 121 -6.91 -5.21 -18.04
C LYS A 121 -6.19 -4.57 -19.23
N ILE A 122 -4.85 -4.35 -19.12
CA ILE A 122 -3.98 -3.80 -20.17
C ILE A 122 -4.09 -4.65 -21.44
N PHE A 123 -3.91 -5.99 -21.30
CA PHE A 123 -3.99 -6.93 -22.41
C PHE A 123 -5.41 -6.95 -22.99
N CYS A 124 -6.45 -6.84 -22.15
CA CYS A 124 -7.85 -6.83 -22.60
C CYS A 124 -8.13 -5.60 -23.50
N ILE A 125 -7.52 -4.44 -23.18
CA ILE A 125 -7.65 -3.18 -23.94
C ILE A 125 -7.04 -3.39 -25.34
N LEU A 126 -5.79 -3.90 -25.40
CA LEU A 126 -5.06 -4.16 -26.65
C LEU A 126 -5.71 -5.28 -27.45
N TYR A 127 -6.23 -6.31 -26.77
CA TYR A 127 -6.87 -7.47 -27.39
C TYR A 127 -8.15 -7.06 -28.10
N ALA A 128 -8.92 -6.12 -27.52
CA ALA A 128 -10.16 -5.62 -28.10
C ALA A 128 -9.89 -4.72 -29.30
N ILE A 129 -8.96 -3.75 -29.17
CA ILE A 129 -8.57 -2.78 -30.20
C ILE A 129 -8.20 -3.50 -31.52
N PHE A 130 -7.38 -4.57 -31.45
CA PHE A 130 -6.94 -5.33 -32.62
C PHE A 130 -7.86 -6.52 -32.96
N GLY A 131 -8.51 -7.08 -31.95
CA GLY A 131 -9.35 -8.26 -32.11
C GLY A 131 -10.74 -8.08 -32.69
N ILE A 132 -11.45 -7.00 -32.32
CA ILE A 132 -12.80 -6.69 -32.80
C ILE A 132 -12.77 -6.46 -34.34
N PRO A 133 -11.83 -5.69 -34.96
CA PRO A 133 -11.82 -5.56 -36.43
C PRO A 133 -11.54 -6.89 -37.12
N LEU A 134 -10.70 -7.76 -36.49
CA LEU A 134 -10.35 -9.09 -36.99
C LEU A 134 -11.62 -9.95 -37.13
N PHE A 135 -12.58 -9.79 -36.19
CA PHE A 135 -13.84 -10.50 -36.22
C PHE A 135 -14.73 -9.91 -37.30
N GLY A 136 -14.65 -8.59 -37.50
CA GLY A 136 -15.39 -7.86 -38.51
C GLY A 136 -15.10 -8.39 -39.89
N PHE A 137 -13.80 -8.70 -40.15
CA PHE A 137 -13.31 -9.28 -41.40
C PHE A 137 -13.89 -10.68 -41.63
N LEU A 138 -13.96 -11.50 -40.56
CA LEU A 138 -14.52 -12.86 -40.61
C LEU A 138 -16.03 -12.82 -40.83
N LEU A 139 -16.72 -11.92 -40.11
CA LEU A 139 -18.17 -11.73 -40.18
C LEU A 139 -18.59 -11.16 -41.54
N ALA A 140 -17.71 -10.32 -42.15
CA ALA A 140 -17.94 -9.76 -43.49
C ALA A 140 -17.75 -10.83 -44.53
N GLY A 141 -16.80 -11.73 -44.28
CA GLY A 141 -16.47 -12.87 -45.14
C GLY A 141 -17.63 -13.83 -45.28
N ILE A 142 -18.24 -14.22 -44.14
CA ILE A 142 -19.40 -15.11 -44.11
C ILE A 142 -20.61 -14.34 -44.67
N GLY A 143 -20.67 -13.04 -44.37
CA GLY A 143 -21.70 -12.12 -44.85
C GLY A 143 -21.73 -11.94 -46.35
N ASP A 144 -20.54 -12.07 -47.00
CA ASP A 144 -20.37 -11.96 -48.45
C ASP A 144 -20.88 -13.22 -49.13
N GLN A 145 -20.57 -14.40 -48.56
CA GLN A 145 -20.98 -15.71 -49.08
C GLN A 145 -22.49 -15.90 -48.95
N LEU A 146 -23.07 -15.49 -47.80
CA LEU A 146 -24.52 -15.56 -47.53
C LEU A 146 -25.30 -14.57 -48.39
N GLY A 147 -24.67 -13.46 -48.74
CA GLY A 147 -25.23 -12.42 -49.60
C GLY A 147 -25.45 -12.92 -51.01
N THR A 148 -24.58 -13.86 -51.45
CA THR A 148 -24.65 -14.53 -52.75
C THR A 148 -25.80 -15.53 -52.71
N ILE A 149 -26.00 -16.23 -51.56
CA ILE A 149 -27.08 -17.19 -51.33
C ILE A 149 -28.43 -16.46 -51.36
N PHE A 150 -28.50 -15.29 -50.68
CA PHE A 150 -29.70 -14.45 -50.66
C PHE A 150 -29.98 -13.83 -52.03
N GLY A 151 -28.92 -13.31 -52.66
CA GLY A 151 -28.96 -12.68 -53.98
C GLY A 151 -29.42 -13.59 -55.09
N LYS A 152 -28.97 -14.87 -55.07
CA LYS A 152 -29.36 -15.89 -56.04
C LYS A 152 -30.81 -16.31 -55.86
N SER A 153 -31.32 -16.26 -54.60
CA SER A 153 -32.70 -16.61 -54.26
C SER A 153 -33.69 -15.52 -54.70
N ILE A 154 -33.30 -14.23 -54.64
CA ILE A 154 -34.15 -13.10 -55.06
C ILE A 154 -34.16 -13.02 -56.60
N ALA A 155 -33.00 -13.33 -57.24
CA ALA A 155 -32.84 -13.34 -58.70
C ALA A 155 -33.71 -14.42 -59.34
N ARG A 156 -34.00 -15.51 -58.60
CA ARG A 156 -34.84 -16.63 -59.01
C ARG A 156 -36.32 -16.19 -59.07
N VAL A 157 -36.77 -15.41 -58.04
CA VAL A 157 -38.13 -14.89 -57.90
C VAL A 157 -38.40 -13.80 -58.97
N GLU A 158 -37.39 -12.94 -59.24
CA GLU A 158 -37.47 -11.86 -60.22
C GLU A 158 -37.59 -12.37 -61.67
N LYS A 159 -37.03 -13.57 -61.95
CA LYS A 159 -37.08 -14.23 -63.25
C LYS A 159 -38.51 -14.67 -63.59
N VAL A 160 -39.31 -15.00 -62.56
CA VAL A 160 -40.71 -15.44 -62.67
C VAL A 160 -41.58 -14.23 -63.10
N PHE A 161 -41.40 -13.08 -62.42
CA PHE A 161 -42.16 -11.85 -62.66
C PHE A 161 -41.47 -10.89 -63.65
N ARG A 162 -40.71 -11.43 -64.61
CA ARG A 162 -40.05 -10.64 -65.65
C ARG A 162 -41.11 -10.10 -66.63
N LYS A 163 -42.02 -10.99 -67.08
CA LYS A 163 -43.12 -10.67 -67.98
C LYS A 163 -44.39 -10.33 -67.19
N LYS A 164 -44.48 -10.79 -65.92
CA LYS A 164 -45.62 -10.54 -65.02
C LYS A 164 -45.55 -9.13 -64.43
N GLN A 165 -44.33 -8.53 -64.41
CA GLN A 165 -44.00 -7.18 -63.95
C GLN A 165 -44.56 -6.86 -62.55
N VAL A 166 -43.84 -7.29 -61.50
CA VAL A 166 -44.16 -7.03 -60.08
C VAL A 166 -43.03 -6.20 -59.50
N SER A 167 -43.39 -5.07 -58.87
CA SER A 167 -42.47 -4.10 -58.28
C SER A 167 -41.32 -4.78 -57.53
N GLN A 168 -40.08 -4.46 -57.94
CA GLN A 168 -38.83 -4.99 -57.37
C GLN A 168 -38.77 -4.80 -55.86
N THR A 169 -39.37 -3.70 -55.35
CA THR A 169 -39.42 -3.36 -53.93
C THR A 169 -40.30 -4.37 -53.17
N LYS A 170 -41.43 -4.83 -53.78
CA LYS A 170 -42.33 -5.82 -53.18
C LYS A 170 -41.64 -7.18 -53.08
N ILE A 171 -40.92 -7.59 -54.16
CA ILE A 171 -40.16 -8.85 -54.24
C ILE A 171 -39.11 -8.87 -53.12
N ARG A 172 -38.36 -7.77 -52.98
CA ARG A 172 -37.30 -7.58 -51.99
C ARG A 172 -37.82 -7.61 -50.55
N VAL A 173 -39.06 -7.12 -50.31
CA VAL A 173 -39.66 -7.09 -48.97
C VAL A 173 -40.09 -8.52 -48.55
N ILE A 174 -40.82 -9.26 -49.41
CA ILE A 174 -41.29 -10.62 -49.09
C ILE A 174 -40.09 -11.55 -48.82
N SER A 175 -39.04 -11.47 -49.68
CA SER A 175 -37.81 -12.25 -49.58
C SER A 175 -37.08 -12.01 -48.26
N THR A 176 -36.87 -10.74 -47.88
CA THR A 176 -36.17 -10.35 -46.65
C THR A 176 -36.95 -10.85 -45.42
N ILE A 177 -38.30 -10.79 -45.45
CA ILE A 177 -39.16 -11.26 -44.34
C ILE A 177 -38.91 -12.77 -44.11
N LEU A 178 -38.76 -13.52 -45.23
CA LEU A 178 -38.50 -14.96 -45.22
C LEU A 178 -37.12 -15.27 -44.63
N PHE A 179 -36.07 -14.52 -45.05
CA PHE A 179 -34.71 -14.71 -44.50
C PHE A 179 -34.65 -14.41 -42.99
N ILE A 180 -35.38 -13.37 -42.53
CA ILE A 180 -35.46 -12.97 -41.12
C ILE A 180 -36.11 -14.11 -40.32
N LEU A 181 -37.22 -14.68 -40.84
CA LEU A 181 -37.94 -15.80 -40.21
C LEU A 181 -37.14 -17.09 -40.26
N ALA A 182 -36.33 -17.28 -41.32
CA ALA A 182 -35.47 -18.47 -41.47
C ALA A 182 -34.43 -18.51 -40.35
N GLY A 183 -33.80 -17.36 -40.10
CA GLY A 183 -32.83 -17.19 -39.01
C GLY A 183 -33.48 -17.26 -37.65
N CYS A 184 -34.75 -16.83 -37.55
CA CYS A 184 -35.53 -16.82 -36.31
C CYS A 184 -35.90 -18.23 -35.86
N ILE A 185 -35.96 -19.18 -36.79
CA ILE A 185 -36.27 -20.57 -36.47
C ILE A 185 -34.96 -21.31 -36.16
N VAL A 186 -34.00 -21.26 -37.10
CA VAL A 186 -32.71 -21.95 -37.06
C VAL A 186 -31.78 -21.42 -35.93
N PHE A 187 -31.56 -20.09 -35.84
CA PHE A 187 -30.63 -19.51 -34.88
C PHE A 187 -31.29 -18.86 -33.64
N VAL A 188 -32.65 -18.76 -33.59
CA VAL A 188 -33.29 -18.14 -32.43
C VAL A 188 -34.18 -19.15 -31.68
N THR A 189 -35.20 -19.74 -32.35
CA THR A 189 -36.16 -20.65 -31.73
C THR A 189 -35.50 -21.98 -31.29
N ILE A 190 -34.87 -22.71 -32.24
CA ILE A 190 -34.22 -24.01 -32.01
C ILE A 190 -33.13 -23.93 -30.91
N PRO A 191 -32.15 -22.98 -30.93
CA PRO A 191 -31.13 -22.96 -29.86
C PRO A 191 -31.70 -22.60 -28.49
N ALA A 192 -32.78 -21.79 -28.45
CA ALA A 192 -33.45 -21.41 -27.20
C ALA A 192 -34.09 -22.62 -26.51
N VAL A 193 -34.61 -23.56 -27.32
CA VAL A 193 -35.21 -24.82 -26.87
C VAL A 193 -34.11 -25.69 -26.23
N ILE A 194 -32.90 -25.72 -26.86
CA ILE A 194 -31.73 -26.46 -26.39
C ILE A 194 -31.28 -25.90 -25.03
N PHE A 195 -31.19 -24.57 -24.89
CA PHE A 195 -30.81 -23.91 -23.64
C PHE A 195 -31.83 -24.14 -22.53
N LYS A 196 -33.12 -24.26 -22.89
CA LYS A 196 -34.22 -24.51 -21.94
C LYS A 196 -34.05 -25.90 -21.30
N TYR A 197 -33.62 -26.90 -22.10
CA TYR A 197 -33.41 -28.27 -21.67
C TYR A 197 -32.03 -28.48 -21.03
N ILE A 198 -30.98 -27.80 -21.53
CA ILE A 198 -29.62 -27.96 -21.01
C ILE A 198 -29.42 -27.11 -19.74
N GLU A 199 -29.53 -25.77 -19.84
CA GLU A 199 -29.32 -24.86 -18.71
C GLU A 199 -30.46 -24.87 -17.67
N GLY A 200 -31.59 -25.46 -18.03
CA GLY A 200 -32.75 -25.58 -17.16
C GLY A 200 -33.51 -24.30 -16.91
N TRP A 201 -33.37 -23.31 -17.82
CA TRP A 201 -34.04 -22.02 -17.72
C TRP A 201 -35.51 -22.11 -18.10
N THR A 202 -36.28 -21.02 -17.87
CA THR A 202 -37.69 -20.95 -18.26
C THR A 202 -37.76 -20.63 -19.75
N ALA A 203 -38.94 -20.81 -20.37
CA ALA A 203 -39.18 -20.53 -21.80
C ALA A 203 -38.76 -19.11 -22.17
N LEU A 204 -39.08 -18.12 -21.31
CA LEU A 204 -38.74 -16.71 -21.49
C LEU A 204 -37.24 -16.49 -21.39
N GLU A 205 -36.63 -16.91 -20.25
CA GLU A 205 -35.19 -16.78 -19.95
C GLU A 205 -34.31 -17.33 -21.07
N SER A 206 -34.76 -18.40 -21.75
CA SER A 206 -34.06 -19.03 -22.87
C SER A 206 -34.08 -18.13 -24.10
N ILE A 207 -35.28 -17.58 -24.48
CA ILE A 207 -35.44 -16.68 -25.63
C ILE A 207 -34.70 -15.37 -25.32
N TYR A 208 -34.90 -14.84 -24.10
CA TYR A 208 -34.27 -13.62 -23.59
C TYR A 208 -32.77 -13.72 -23.72
N PHE A 209 -32.15 -14.87 -23.32
CA PHE A 209 -30.71 -15.10 -23.44
C PHE A 209 -30.26 -15.01 -24.90
N VAL A 210 -30.90 -15.78 -25.80
CA VAL A 210 -30.60 -15.82 -27.24
C VAL A 210 -30.66 -14.40 -27.84
N VAL A 211 -31.72 -13.62 -27.51
CA VAL A 211 -31.90 -12.25 -28.00
C VAL A 211 -30.77 -11.35 -27.50
N VAL A 212 -30.51 -11.34 -26.17
CA VAL A 212 -29.48 -10.54 -25.50
C VAL A 212 -28.06 -10.96 -26.00
N THR A 213 -27.89 -12.22 -26.45
CA THR A 213 -26.62 -12.72 -26.98
C THR A 213 -26.40 -12.22 -28.41
N LEU A 214 -27.37 -12.50 -29.33
CA LEU A 214 -27.27 -12.15 -30.74
C LEU A 214 -27.32 -10.63 -31.00
N THR A 215 -27.92 -9.83 -30.10
CA THR A 215 -27.91 -8.37 -30.24
C THR A 215 -26.57 -7.80 -29.76
N THR A 216 -25.68 -8.66 -29.22
CA THR A 216 -24.35 -8.39 -28.64
C THR A 216 -24.46 -7.45 -27.43
N VAL A 217 -25.67 -7.33 -26.85
CA VAL A 217 -25.95 -6.52 -25.67
C VAL A 217 -25.18 -7.18 -24.52
N GLY A 218 -25.34 -8.49 -24.36
CA GLY A 218 -24.68 -9.34 -23.38
C GLY A 218 -24.64 -8.78 -21.97
N PHE A 219 -25.78 -8.79 -21.27
CA PHE A 219 -25.90 -8.29 -19.91
C PHE A 219 -25.07 -9.14 -18.95
N GLY A 220 -25.12 -10.46 -19.14
CA GLY A 220 -24.38 -11.42 -18.33
C GLY A 220 -25.19 -11.99 -17.18
N ASP A 221 -26.51 -11.65 -17.12
CA ASP A 221 -27.42 -12.18 -16.10
C ASP A 221 -27.73 -13.66 -16.39
N PHE A 222 -27.61 -14.03 -17.67
CA PHE A 222 -27.75 -15.38 -18.18
C PHE A 222 -26.59 -15.67 -19.12
N VAL A 223 -25.77 -16.69 -18.79
CA VAL A 223 -24.61 -17.10 -19.59
C VAL A 223 -24.64 -18.63 -19.74
N ALA A 224 -24.38 -19.14 -20.95
CA ALA A 224 -24.40 -20.57 -21.28
C ALA A 224 -23.24 -21.30 -20.61
N GLY A 225 -23.58 -22.37 -19.89
CA GLY A 225 -22.63 -23.20 -19.15
C GLY A 225 -21.98 -22.49 -17.99
N GLY A 226 -22.80 -22.04 -17.04
CA GLY A 226 -22.36 -21.30 -15.85
C GLY A 226 -22.75 -21.96 -14.55
N ARG A 233 -20.97 -30.87 -20.86
CA ARG A 233 -20.00 -31.51 -21.73
C ARG A 233 -18.91 -30.53 -22.18
N GLU A 234 -17.74 -31.05 -22.62
CA GLU A 234 -16.61 -30.22 -23.05
C GLU A 234 -16.86 -29.52 -24.39
N TRP A 235 -17.69 -30.12 -25.27
CA TRP A 235 -18.03 -29.59 -26.59
C TRP A 235 -19.10 -28.47 -26.54
N TYR A 236 -19.72 -28.25 -25.37
CA TYR A 236 -20.79 -27.26 -25.15
C TYR A 236 -20.33 -25.84 -25.43
N LYS A 237 -19.36 -25.30 -24.64
CA LYS A 237 -18.83 -23.93 -24.78
C LYS A 237 -18.35 -23.61 -26.24
N PRO A 238 -17.57 -24.47 -26.95
CA PRO A 238 -17.19 -24.12 -28.34
C PRO A 238 -18.38 -24.12 -29.32
N LEU A 239 -19.35 -25.04 -29.14
CA LEU A 239 -20.56 -25.13 -29.99
C LEU A 239 -21.45 -23.90 -29.78
N VAL A 240 -21.49 -23.37 -28.55
CA VAL A 240 -22.24 -22.18 -28.17
C VAL A 240 -21.62 -20.99 -28.93
N TRP A 241 -20.27 -20.85 -28.90
CA TRP A 241 -19.57 -19.78 -29.64
C TRP A 241 -19.76 -19.99 -31.16
N PHE A 242 -19.81 -21.26 -31.63
CA PHE A 242 -20.02 -21.53 -33.06
C PHE A 242 -21.41 -21.05 -33.45
N TRP A 243 -22.45 -21.32 -32.60
CA TRP A 243 -23.82 -20.86 -32.82
C TRP A 243 -23.85 -19.32 -32.89
N ILE A 244 -23.07 -18.66 -32.00
CA ILE A 244 -22.91 -17.21 -31.91
C ILE A 244 -22.32 -16.72 -33.24
N LEU A 245 -21.21 -17.34 -33.71
CA LEU A 245 -20.51 -16.99 -34.96
C LEU A 245 -21.44 -17.07 -36.18
N VAL A 246 -22.17 -18.19 -36.37
CA VAL A 246 -23.08 -18.36 -37.52
C VAL A 246 -24.30 -17.44 -37.35
N GLY A 247 -24.80 -17.33 -36.11
CA GLY A 247 -25.94 -16.50 -35.74
C GLY A 247 -25.74 -15.03 -36.04
N LEU A 248 -24.58 -14.47 -35.59
CA LEU A 248 -24.19 -13.07 -35.82
C LEU A 248 -23.95 -12.81 -37.29
N ALA A 249 -23.25 -13.74 -37.97
CA ALA A 249 -22.89 -13.66 -39.38
C ALA A 249 -24.11 -13.68 -40.28
N TYR A 250 -25.12 -14.54 -39.98
CA TYR A 250 -26.35 -14.64 -40.76
C TYR A 250 -27.12 -13.33 -40.70
N PHE A 251 -27.36 -12.83 -39.49
CA PHE A 251 -28.11 -11.60 -39.30
C PHE A 251 -27.32 -10.37 -39.74
N ALA A 252 -25.97 -10.44 -39.74
CA ALA A 252 -25.11 -9.35 -40.22
C ALA A 252 -25.19 -9.27 -41.75
N ALA A 253 -25.39 -10.43 -42.42
CA ALA A 253 -25.54 -10.52 -43.86
C ALA A 253 -26.88 -9.94 -44.29
N VAL A 254 -27.92 -10.09 -43.44
CA VAL A 254 -29.26 -9.58 -43.67
C VAL A 254 -29.24 -8.04 -43.51
N LEU A 255 -28.59 -7.51 -42.46
CA LEU A 255 -28.47 -6.06 -42.25
C LEU A 255 -27.64 -5.40 -43.32
N SER A 256 -26.59 -6.10 -43.82
CA SER A 256 -25.71 -5.63 -44.90
C SER A 256 -26.51 -5.45 -46.18
N MET A 257 -27.41 -6.41 -46.46
CA MET A 257 -28.29 -6.44 -47.62
C MET A 257 -29.29 -5.28 -47.56
N ILE A 258 -29.89 -5.01 -46.38
CA ILE A 258 -30.86 -3.92 -46.17
C ILE A 258 -30.13 -2.56 -46.22
N GLY A 259 -28.90 -2.52 -45.71
CA GLY A 259 -28.05 -1.34 -45.70
C GLY A 259 -27.63 -0.89 -47.10
N ASP A 260 -27.17 -1.86 -47.92
CA ASP A 260 -26.75 -1.64 -49.31
C ASP A 260 -27.92 -1.17 -50.17
N TRP A 261 -29.13 -1.69 -49.90
CA TRP A 261 -30.35 -1.34 -50.63
C TRP A 261 -30.82 0.06 -50.26
N LEU A 262 -30.67 0.46 -48.98
CA LEU A 262 -31.05 1.78 -48.48
C LEU A 262 -30.13 2.88 -49.04
N ARG A 263 -28.84 2.53 -49.29
CA ARG A 263 -27.84 3.44 -49.88
C ARG A 263 -28.21 3.72 -51.35
N VAL A 264 -28.74 2.69 -52.06
CA VAL A 264 -29.21 2.77 -53.45
C VAL A 264 -30.45 3.66 -53.52
N LEU A 265 -31.33 3.58 -52.49
CA LEU A 265 -32.55 4.37 -52.35
C LEU A 265 -32.23 5.86 -52.14
N SER A 266 -31.17 6.16 -51.35
CA SER A 266 -30.72 7.52 -51.07
C SER A 266 -30.04 8.15 -52.28
N LYS B 8 -13.79 -14.13 -51.78
CA LYS B 8 -13.38 -15.51 -52.01
C LYS B 8 -13.48 -16.34 -50.74
N TRP B 9 -13.95 -17.60 -50.85
CA TRP B 9 -14.13 -18.53 -49.72
C TRP B 9 -12.78 -19.01 -49.15
N LYS B 10 -11.71 -19.01 -49.98
CA LYS B 10 -10.36 -19.42 -49.57
C LYS B 10 -9.81 -18.47 -48.51
N THR B 11 -10.08 -17.16 -48.66
CA THR B 11 -9.66 -16.12 -47.72
C THR B 11 -10.57 -16.11 -46.47
N VAL B 12 -11.86 -16.51 -46.62
CA VAL B 12 -12.84 -16.58 -45.51
C VAL B 12 -12.38 -17.66 -44.52
N VAL B 13 -12.00 -18.86 -45.04
CA VAL B 13 -11.48 -19.97 -44.24
C VAL B 13 -10.13 -19.57 -43.62
N ALA B 14 -9.32 -18.76 -44.36
CA ALA B 14 -8.03 -18.26 -43.90
C ALA B 14 -8.21 -17.31 -42.69
N ILE B 15 -9.20 -16.38 -42.75
CA ILE B 15 -9.51 -15.45 -41.67
C ILE B 15 -10.02 -16.25 -40.45
N PHE B 16 -10.82 -17.31 -40.70
CA PHE B 16 -11.36 -18.19 -39.64
C PHE B 16 -10.22 -18.83 -38.83
N VAL B 17 -9.15 -19.29 -39.52
CA VAL B 17 -7.99 -19.91 -38.86
C VAL B 17 -7.27 -18.85 -38.02
N VAL B 18 -7.03 -17.64 -38.59
CA VAL B 18 -6.39 -16.50 -37.91
C VAL B 18 -7.17 -16.16 -36.63
N VAL B 19 -8.52 -16.11 -36.72
CA VAL B 19 -9.42 -15.80 -35.60
C VAL B 19 -9.37 -16.91 -34.52
N VAL B 20 -9.49 -18.21 -34.92
CA VAL B 20 -9.46 -19.36 -33.99
C VAL B 20 -8.09 -19.41 -33.26
N VAL B 21 -6.98 -19.16 -33.99
CA VAL B 21 -5.64 -19.10 -33.42
C VAL B 21 -5.56 -17.91 -32.44
N TYR B 22 -6.15 -16.77 -32.82
CA TYR B 22 -6.19 -15.53 -32.04
C TYR B 22 -6.89 -15.74 -30.69
N LEU B 23 -7.98 -16.54 -30.66
CA LEU B 23 -8.75 -16.84 -29.44
C LEU B 23 -7.99 -17.80 -28.54
N VAL B 24 -7.22 -18.74 -29.13
CA VAL B 24 -6.41 -19.70 -28.38
C VAL B 24 -5.23 -18.91 -27.76
N THR B 25 -4.57 -18.04 -28.56
CA THR B 25 -3.49 -17.14 -28.15
C THR B 25 -3.98 -16.26 -26.98
N GLY B 26 -5.11 -15.58 -27.20
CA GLY B 26 -5.76 -14.72 -26.22
C GLY B 26 -6.12 -15.45 -24.95
N GLY B 27 -6.72 -16.62 -25.10
CA GLY B 27 -7.13 -17.51 -24.01
C GLY B 27 -5.97 -17.91 -23.12
N LEU B 28 -4.81 -18.23 -23.74
CA LEU B 28 -3.59 -18.61 -23.04
C LEU B 28 -2.98 -17.43 -22.29
N VAL B 29 -3.03 -16.21 -22.88
CA VAL B 29 -2.48 -15.00 -22.27
C VAL B 29 -3.36 -14.58 -21.07
N PHE B 30 -4.69 -14.61 -21.22
CA PHE B 30 -5.64 -14.25 -20.17
C PHE B 30 -5.53 -15.19 -18.96
N ARG B 31 -5.43 -16.52 -19.19
CA ARG B 31 -5.30 -17.51 -18.12
C ARG B 31 -3.95 -17.36 -17.39
N ALA B 32 -2.88 -16.99 -18.11
CA ALA B 32 -1.56 -16.78 -17.52
C ALA B 32 -1.56 -15.55 -16.61
N LEU B 33 -2.35 -14.54 -16.97
CA LEU B 33 -2.48 -13.28 -16.24
C LEU B 33 -3.48 -13.33 -15.07
N GLU B 34 -4.62 -14.04 -15.27
CA GLU B 34 -5.74 -14.05 -14.32
C GLU B 34 -5.85 -15.26 -13.38
N GLN B 35 -5.58 -16.49 -13.86
CA GLN B 35 -5.70 -17.70 -13.03
C GLN B 35 -4.90 -17.62 -11.70
N PRO B 36 -3.65 -17.06 -11.61
CA PRO B 36 -2.98 -16.99 -10.30
C PRO B 36 -3.74 -16.15 -9.27
N PHE B 37 -4.32 -15.01 -9.71
CA PHE B 37 -5.12 -14.13 -8.85
C PHE B 37 -6.46 -14.78 -8.49
N GLU B 38 -7.05 -15.54 -9.44
CA GLU B 38 -8.33 -16.26 -9.27
C GLU B 38 -8.18 -17.31 -8.18
N SER B 39 -7.04 -18.03 -8.18
CA SER B 39 -6.70 -19.05 -7.18
C SER B 39 -6.36 -18.40 -5.85
N SER B 40 -5.78 -17.18 -5.90
CA SER B 40 -5.41 -16.38 -4.72
C SER B 40 -6.67 -15.90 -3.98
N GLN B 41 -7.70 -15.49 -4.75
CA GLN B 41 -8.98 -15.04 -4.21
C GLN B 41 -9.77 -16.21 -3.63
N LYS B 42 -9.74 -17.37 -4.33
CA LYS B 42 -10.44 -18.60 -3.95
C LYS B 42 -9.99 -19.09 -2.57
N ASN B 43 -8.69 -18.95 -2.30
CA ASN B 43 -8.05 -19.32 -1.04
C ASN B 43 -8.46 -18.37 0.07
N THR B 44 -8.57 -17.06 -0.26
CA THR B 44 -8.92 -16.00 0.69
C THR B 44 -10.37 -16.13 1.17
N ILE B 45 -11.34 -16.31 0.24
CA ILE B 45 -12.77 -16.42 0.58
C ILE B 45 -13.01 -17.66 1.46
N ALA B 46 -12.34 -18.78 1.17
CA ALA B 46 -12.46 -20.03 1.92
C ALA B 46 -11.96 -19.85 3.37
N LEU B 47 -10.88 -19.06 3.54
CA LEU B 47 -10.27 -18.73 4.83
C LEU B 47 -11.13 -17.73 5.61
N GLU B 48 -11.61 -16.66 4.93
CA GLU B 48 -12.44 -15.60 5.54
C GLU B 48 -13.73 -16.21 6.11
N LYS B 49 -14.37 -17.14 5.38
CA LYS B 49 -15.60 -17.82 5.79
C LYS B 49 -15.34 -18.73 6.98
N ALA B 50 -14.28 -19.58 6.91
CA ALA B 50 -13.90 -20.51 7.96
C ALA B 50 -13.51 -19.79 9.25
N GLU B 51 -12.76 -18.66 9.13
CA GLU B 51 -12.34 -17.85 10.28
C GLU B 51 -13.54 -17.14 10.91
N PHE B 52 -14.57 -16.81 10.10
CA PHE B 52 -15.80 -16.16 10.59
C PHE B 52 -16.56 -17.12 11.50
N LEU B 53 -16.71 -18.39 11.06
CA LEU B 53 -17.40 -19.44 11.81
C LEU B 53 -16.66 -19.83 13.11
N ARG B 54 -15.33 -19.63 13.11
CA ARG B 54 -14.42 -19.88 14.23
C ARG B 54 -14.64 -18.82 15.32
N ASP B 55 -14.89 -17.56 14.91
CA ASP B 55 -15.11 -16.41 15.79
C ASP B 55 -16.56 -16.32 16.23
N HIS B 56 -17.50 -16.71 15.35
CA HIS B 56 -18.94 -16.67 15.65
C HIS B 56 -19.49 -18.09 15.69
N VAL B 57 -19.36 -18.72 16.86
CA VAL B 57 -19.78 -20.10 17.17
C VAL B 57 -21.30 -20.27 17.10
N CYS B 58 -22.08 -19.21 17.40
CA CYS B 58 -23.54 -19.19 17.40
C CYS B 58 -24.12 -19.37 15.97
N VAL B 59 -23.29 -19.17 14.92
CA VAL B 59 -23.64 -19.32 13.50
C VAL B 59 -23.20 -20.70 13.01
N SER B 60 -24.10 -21.44 12.34
CA SER B 60 -23.80 -22.76 11.77
C SER B 60 -23.24 -22.57 10.34
N PRO B 61 -22.44 -23.52 9.80
CA PRO B 61 -21.92 -23.34 8.43
C PRO B 61 -23.03 -23.27 7.38
N GLN B 62 -24.16 -23.93 7.67
CA GLN B 62 -25.36 -24.02 6.85
C GLN B 62 -26.12 -22.68 6.80
N GLU B 63 -26.29 -22.00 7.98
CA GLU B 63 -27.00 -20.71 8.06
C GLU B 63 -26.10 -19.55 7.61
N LEU B 64 -24.78 -19.79 7.49
CA LEU B 64 -23.83 -18.82 6.95
C LEU B 64 -24.06 -18.76 5.44
N GLU B 65 -24.17 -19.96 4.81
CA GLU B 65 -24.40 -20.17 3.37
C GLU B 65 -25.68 -19.48 2.92
N THR B 66 -26.75 -19.62 3.72
CA THR B 66 -28.07 -19.06 3.49
C THR B 66 -27.99 -17.53 3.46
N LEU B 67 -27.23 -16.93 4.42
CA LEU B 67 -27.01 -15.49 4.52
C LEU B 67 -26.24 -14.97 3.31
N ILE B 68 -25.18 -15.70 2.88
CA ILE B 68 -24.38 -15.33 1.70
C ILE B 68 -25.28 -15.35 0.47
N GLN B 69 -26.11 -16.41 0.33
CA GLN B 69 -27.05 -16.57 -0.78
C GLN B 69 -28.05 -15.41 -0.83
N HIS B 70 -28.60 -15.01 0.34
CA HIS B 70 -29.53 -13.88 0.45
C HIS B 70 -28.86 -12.58 0.00
N ALA B 71 -27.58 -12.40 0.35
CA ALA B 71 -26.79 -11.22 -0.03
C ALA B 71 -26.49 -11.23 -1.52
N LEU B 72 -26.21 -12.41 -2.10
CA LEU B 72 -25.91 -12.55 -3.52
C LEU B 72 -27.17 -12.32 -4.36
N ASP B 73 -28.32 -12.91 -3.96
CA ASP B 73 -29.61 -12.75 -4.63
C ASP B 73 -30.06 -11.29 -4.67
N ALA B 74 -29.72 -10.52 -3.61
CA ALA B 74 -30.02 -9.10 -3.50
C ALA B 74 -29.21 -8.31 -4.49
N ASP B 75 -27.88 -8.55 -4.56
CA ASP B 75 -26.97 -7.88 -5.48
C ASP B 75 -27.29 -8.23 -6.94
N ASN B 76 -27.69 -9.51 -7.18
CA ASN B 76 -28.10 -10.03 -8.50
C ASN B 76 -29.37 -9.30 -8.97
N ALA B 77 -30.26 -8.95 -8.02
CA ALA B 77 -31.48 -8.20 -8.31
C ALA B 77 -31.16 -6.71 -8.58
N GLY B 78 -30.02 -6.23 -8.06
CA GLY B 78 -29.56 -4.85 -8.23
C GLY B 78 -29.63 -4.01 -6.97
N VAL B 79 -29.81 -4.66 -5.80
CA VAL B 79 -29.90 -4.01 -4.49
C VAL B 79 -28.65 -4.41 -3.68
N SER B 80 -27.80 -3.42 -3.33
CA SER B 80 -26.57 -3.65 -2.57
C SER B 80 -26.90 -4.18 -1.18
N PRO B 81 -26.36 -5.36 -0.80
CA PRO B 81 -26.64 -5.88 0.54
C PRO B 81 -25.78 -5.21 1.63
N ILE B 82 -25.05 -4.13 1.28
CA ILE B 82 -24.20 -3.36 2.19
C ILE B 82 -24.99 -2.13 2.65
N GLY B 83 -25.28 -2.08 3.96
CA GLY B 83 -26.01 -1.01 4.63
C GLY B 83 -27.44 -0.80 4.20
N ASN B 84 -28.15 0.05 4.96
CA ASN B 84 -29.53 0.45 4.70
C ASN B 84 -29.54 1.77 3.92
N SER B 85 -28.51 2.61 4.17
CA SER B 85 -28.30 3.93 3.55
C SER B 85 -28.07 3.83 2.04
N SER B 86 -27.34 2.77 1.58
CA SER B 86 -27.06 2.53 0.16
C SER B 86 -28.32 2.01 -0.58
N ASN B 87 -29.25 1.38 0.19
CA ASN B 87 -30.53 0.83 -0.29
C ASN B 87 -31.53 1.96 -0.63
N ASN B 88 -31.44 3.12 0.08
CA ASN B 88 -32.28 4.30 -0.07
C ASN B 88 -32.35 4.83 -1.53
N SER B 89 -31.26 4.68 -2.31
CA SER B 89 -31.19 5.10 -3.71
C SER B 89 -31.79 4.02 -4.63
N SER B 90 -32.36 4.43 -5.79
CA SER B 90 -32.98 3.51 -6.76
C SER B 90 -32.21 3.44 -8.06
N HIS B 91 -32.22 2.25 -8.68
CA HIS B 91 -31.58 1.97 -9.96
C HIS B 91 -32.56 2.11 -11.12
N TRP B 92 -33.86 2.26 -10.81
CA TRP B 92 -34.90 2.39 -11.84
C TRP B 92 -35.61 3.74 -11.75
N ASP B 93 -34.89 4.82 -11.42
CA ASP B 93 -35.48 6.15 -11.39
C ASP B 93 -35.59 6.67 -12.85
N LEU B 94 -36.39 7.71 -13.11
CA LEU B 94 -36.60 8.29 -14.45
C LEU B 94 -35.28 8.48 -15.22
N GLY B 95 -34.26 9.00 -14.54
CA GLY B 95 -32.94 9.24 -15.09
C GLY B 95 -32.11 7.99 -15.31
N SER B 96 -32.02 7.14 -14.27
CA SER B 96 -31.25 5.89 -14.30
C SER B 96 -31.81 4.89 -15.32
N ALA B 97 -33.16 4.82 -15.46
CA ALA B 97 -33.86 3.93 -16.40
C ALA B 97 -33.69 4.44 -17.84
N PHE B 98 -33.49 5.78 -18.01
CA PHE B 98 -33.22 6.41 -19.30
C PHE B 98 -31.83 5.95 -19.78
N PHE B 99 -30.83 5.96 -18.86
CA PHE B 99 -29.48 5.53 -19.16
C PHE B 99 -29.46 4.02 -19.42
N PHE B 100 -30.23 3.21 -18.65
CA PHE B 100 -30.33 1.77 -18.92
C PHE B 100 -30.81 1.53 -20.35
N ALA B 101 -31.86 2.28 -20.79
CA ALA B 101 -32.40 2.19 -22.14
C ALA B 101 -31.29 2.43 -23.16
N GLY B 102 -30.50 3.48 -22.92
CA GLY B 102 -29.35 3.83 -23.75
C GLY B 102 -28.31 2.73 -23.82
N THR B 103 -28.13 2.01 -22.69
CA THR B 103 -27.21 0.88 -22.50
C THR B 103 -27.66 -0.31 -23.37
N VAL B 104 -28.98 -0.45 -23.58
CA VAL B 104 -29.55 -1.51 -24.42
C VAL B 104 -29.32 -1.12 -25.91
N ILE B 105 -29.82 0.07 -26.31
CA ILE B 105 -29.81 0.67 -27.67
C ILE B 105 -28.39 0.70 -28.28
N THR B 106 -27.38 1.09 -27.50
CA THR B 106 -25.98 1.18 -27.95
C THR B 106 -25.29 -0.19 -28.02
N THR B 107 -26.00 -1.27 -27.60
CA THR B 107 -25.55 -2.67 -27.52
C THR B 107 -24.39 -2.84 -26.51
N ILE B 108 -24.15 -1.82 -25.65
CA ILE B 108 -23.11 -1.85 -24.63
C ILE B 108 -23.48 -2.91 -23.59
N GLY B 109 -24.72 -2.85 -23.11
CA GLY B 109 -25.31 -3.76 -22.14
C GLY B 109 -24.40 -4.11 -20.98
N TYR B 110 -24.13 -3.12 -20.10
CA TYR B 110 -23.24 -3.27 -18.95
C TYR B 110 -23.61 -4.48 -18.09
N GLY B 111 -24.87 -4.56 -17.68
CA GLY B 111 -25.32 -5.68 -16.87
C GLY B 111 -25.35 -5.45 -15.38
N ASN B 112 -24.79 -4.28 -14.91
CA ASN B 112 -24.81 -3.89 -13.50
C ASN B 112 -26.27 -3.76 -13.04
N ILE B 113 -27.14 -3.34 -13.97
CA ILE B 113 -28.59 -3.23 -13.89
C ILE B 113 -29.14 -4.06 -15.05
N ALA B 114 -30.07 -4.98 -14.77
CA ALA B 114 -30.68 -5.83 -15.79
C ALA B 114 -32.17 -6.10 -15.44
N PRO B 115 -33.09 -6.28 -16.44
CA PRO B 115 -34.50 -6.51 -16.09
C PRO B 115 -34.70 -7.84 -15.34
N SER B 116 -35.29 -7.75 -14.14
CA SER B 116 -35.55 -8.87 -13.24
C SER B 116 -36.97 -9.44 -13.45
N THR B 117 -37.95 -8.54 -13.72
CA THR B 117 -39.36 -8.86 -13.96
C THR B 117 -39.50 -9.64 -15.27
N GLU B 118 -40.41 -10.65 -15.28
CA GLU B 118 -40.73 -11.48 -16.44
C GLU B 118 -41.20 -10.59 -17.59
N GLY B 119 -42.05 -9.61 -17.27
CA GLY B 119 -42.56 -8.62 -18.21
C GLY B 119 -41.48 -7.65 -18.64
N GLY B 120 -40.61 -7.30 -17.69
CA GLY B 120 -39.46 -6.41 -17.92
C GLY B 120 -38.49 -7.00 -18.91
N LYS B 121 -38.38 -8.35 -18.92
CA LYS B 121 -37.53 -9.10 -19.85
C LYS B 121 -38.19 -9.11 -21.24
N ILE B 122 -39.53 -9.34 -21.31
CA ILE B 122 -40.34 -9.33 -22.55
C ILE B 122 -40.18 -7.98 -23.26
N PHE B 123 -40.38 -6.87 -22.53
CA PHE B 123 -40.24 -5.52 -23.07
C PHE B 123 -38.80 -5.25 -23.51
N CYS B 124 -37.79 -5.75 -22.76
CA CYS B 124 -36.38 -5.58 -23.09
C CYS B 124 -36.04 -6.25 -24.43
N ILE B 125 -36.66 -7.42 -24.73
CA ILE B 125 -36.48 -8.19 -25.96
C ILE B 125 -37.01 -7.36 -27.14
N LEU B 126 -38.25 -6.87 -27.03
CA LEU B 126 -38.92 -6.05 -28.05
C LEU B 126 -38.23 -4.69 -28.22
N TYR B 127 -37.78 -4.08 -27.10
CA TYR B 127 -37.11 -2.78 -27.07
C TYR B 127 -35.79 -2.83 -27.83
N ALA B 128 -35.05 -3.95 -27.71
CA ALA B 128 -33.76 -4.15 -28.37
C ALA B 128 -33.94 -4.38 -29.86
N ILE B 129 -34.86 -5.31 -30.24
CA ILE B 129 -35.18 -5.68 -31.62
C ILE B 129 -35.49 -4.44 -32.49
N PHE B 130 -36.33 -3.50 -31.98
CA PHE B 130 -36.71 -2.30 -32.71
C PHE B 130 -35.79 -1.10 -32.40
N GLY B 131 -35.22 -1.06 -31.22
CA GLY B 131 -34.38 0.05 -30.77
C GLY B 131 -32.97 0.14 -31.29
N ILE B 132 -32.26 -1.01 -31.41
CA ILE B 132 -30.88 -1.06 -31.90
C ILE B 132 -30.82 -0.57 -33.38
N PRO B 133 -31.72 -0.97 -34.33
CA PRO B 133 -31.63 -0.40 -35.69
C PRO B 133 -31.90 1.10 -35.71
N LEU B 134 -32.78 1.59 -34.80
CA LEU B 134 -33.12 3.01 -34.66
C LEU B 134 -31.86 3.82 -34.30
N PHE B 135 -30.96 3.24 -33.49
CA PHE B 135 -29.70 3.86 -33.13
C PHE B 135 -28.75 3.84 -34.30
N GLY B 136 -28.79 2.76 -35.08
CA GLY B 136 -27.98 2.58 -36.28
C GLY B 136 -28.21 3.69 -37.28
N PHE B 137 -29.50 4.09 -37.44
CA PHE B 137 -29.94 5.18 -38.31
C PHE B 137 -29.40 6.52 -37.83
N LEU B 138 -29.39 6.76 -36.49
CA LEU B 138 -28.87 7.99 -35.87
C LEU B 138 -27.35 8.05 -36.00
N LEU B 139 -26.67 6.92 -35.75
CA LEU B 139 -25.21 6.78 -35.82
C LEU B 139 -24.72 6.90 -37.27
N ALA B 140 -25.54 6.45 -38.24
CA ALA B 140 -25.23 6.58 -39.66
C ALA B 140 -25.39 8.03 -40.11
N GLY B 141 -26.39 8.71 -39.52
CA GLY B 141 -26.69 10.11 -39.76
C GLY B 141 -25.55 11.02 -39.36
N ILE B 142 -25.01 10.83 -38.15
CA ILE B 142 -23.87 11.59 -37.63
C ILE B 142 -22.61 11.14 -38.42
N GLY B 143 -22.59 9.85 -38.79
CA GLY B 143 -21.53 9.22 -39.57
C GLY B 143 -21.41 9.74 -40.99
N ASP B 144 -22.52 10.27 -41.54
CA ASP B 144 -22.59 10.87 -42.88
C ASP B 144 -22.06 12.31 -42.86
N GLN B 145 -22.42 13.07 -41.81
CA GLN B 145 -21.99 14.46 -41.61
C GLN B 145 -20.48 14.52 -41.31
N LEU B 146 -19.98 13.59 -40.46
CA LEU B 146 -18.56 13.48 -40.09
C LEU B 146 -17.71 13.04 -41.28
N GLY B 147 -18.30 12.26 -42.18
CA GLY B 147 -17.66 11.79 -43.40
C GLY B 147 -17.34 12.93 -44.35
N THR B 148 -18.19 13.98 -44.32
CA THR B 148 -18.03 15.20 -45.11
C THR B 148 -16.89 16.02 -44.50
N ILE B 149 -16.80 16.04 -43.15
CA ILE B 149 -15.77 16.73 -42.37
C ILE B 149 -14.41 16.07 -42.66
N PHE B 150 -14.38 14.72 -42.68
CA PHE B 150 -13.16 13.95 -42.98
C PHE B 150 -12.75 14.11 -44.43
N GLY B 151 -13.73 14.03 -45.34
CA GLY B 151 -13.55 14.18 -46.79
C GLY B 151 -12.97 15.51 -47.21
N LYS B 152 -13.45 16.61 -46.57
CA LYS B 152 -12.99 17.97 -46.84
C LYS B 152 -11.57 18.18 -46.31
N SER B 153 -11.21 17.47 -45.21
CA SER B 153 -9.88 17.55 -44.58
C SER B 153 -8.82 16.80 -45.40
N ILE B 154 -9.18 15.68 -46.06
CA ILE B 154 -8.26 14.91 -46.90
C ILE B 154 -8.06 15.63 -48.24
N ALA B 155 -9.13 16.27 -48.77
CA ALA B 155 -9.11 17.05 -50.01
C ALA B 155 -8.20 18.28 -49.90
N ARG B 156 -8.05 18.81 -48.66
CA ARG B 156 -7.19 19.95 -48.32
C ARG B 156 -5.71 19.53 -48.40
N VAL B 157 -5.37 18.33 -47.87
CA VAL B 157 -4.01 17.76 -47.86
C VAL B 157 -3.59 17.38 -49.29
N SER B 167 1.43 9.85 -53.56
CA SER B 167 0.46 8.76 -53.74
C SER B 167 -0.76 8.96 -52.83
N GLN B 168 -1.96 8.91 -53.43
CA GLN B 168 -3.25 9.09 -52.74
C GLN B 168 -3.43 8.13 -51.56
N THR B 169 -2.85 6.91 -51.67
CA THR B 169 -2.89 5.87 -50.64
C THR B 169 -2.09 6.30 -49.41
N LYS B 170 -0.93 6.98 -49.62
CA LYS B 170 -0.08 7.48 -48.53
C LYS B 170 -0.78 8.62 -47.79
N ILE B 171 -1.43 9.54 -48.53
CA ILE B 171 -2.19 10.67 -47.99
C ILE B 171 -3.32 10.14 -47.10
N ARG B 172 -4.07 9.13 -47.59
CA ARG B 172 -5.19 8.48 -46.92
C ARG B 172 -4.76 7.75 -45.64
N VAL B 173 -3.53 7.17 -45.62
CA VAL B 173 -2.99 6.46 -44.45
C VAL B 173 -2.61 7.51 -43.37
N ILE B 174 -1.94 8.61 -43.79
CA ILE B 174 -1.54 9.72 -42.92
C ILE B 174 -2.79 10.41 -42.33
N SER B 175 -3.86 10.56 -43.15
CA SER B 175 -5.13 11.17 -42.76
C SER B 175 -5.86 10.35 -41.69
N THR B 176 -6.04 9.03 -41.94
CA THR B 176 -6.73 8.10 -41.04
C THR B 176 -6.03 8.06 -39.67
N ILE B 177 -4.67 7.94 -39.62
CA ILE B 177 -3.88 7.90 -38.38
C ILE B 177 -4.18 9.17 -37.55
N LEU B 178 -4.24 10.34 -38.22
CA LEU B 178 -4.54 11.61 -37.58
C LEU B 178 -5.97 11.63 -37.02
N PHE B 179 -6.97 11.14 -37.76
CA PHE B 179 -8.36 11.10 -37.28
C PHE B 179 -8.50 10.16 -36.09
N ILE B 180 -7.80 9.01 -36.13
CA ILE B 180 -7.81 8.01 -35.04
C ILE B 180 -7.22 8.65 -33.78
N LEU B 181 -6.10 9.39 -33.92
CA LEU B 181 -5.45 10.09 -32.80
C LEU B 181 -6.27 11.28 -32.31
N ALA B 182 -7.03 11.95 -33.22
CA ALA B 182 -7.91 13.07 -32.88
C ALA B 182 -9.02 12.61 -31.93
N GLY B 183 -9.64 11.46 -32.26
CA GLY B 183 -10.67 10.85 -31.43
C GLY B 183 -10.10 10.28 -30.14
N CYS B 184 -8.83 9.82 -30.19
CA CYS B 184 -8.11 9.25 -29.04
C CYS B 184 -7.82 10.30 -27.99
N ILE B 185 -7.73 11.58 -28.38
CA ILE B 185 -7.47 12.67 -27.44
C ILE B 185 -8.80 13.19 -26.90
N VAL B 186 -9.72 13.57 -27.82
CA VAL B 186 -11.02 14.18 -27.55
C VAL B 186 -11.99 13.21 -26.83
N PHE B 187 -12.19 11.98 -27.37
CA PHE B 187 -13.16 11.02 -26.84
C PHE B 187 -12.55 9.87 -26.01
N VAL B 188 -11.21 9.75 -25.93
CA VAL B 188 -10.61 8.67 -25.15
C VAL B 188 -9.78 9.22 -23.97
N THR B 189 -8.74 10.04 -24.24
CA THR B 189 -7.82 10.56 -23.21
C THR B 189 -8.53 11.54 -22.25
N ILE B 190 -9.12 12.64 -22.78
CA ILE B 190 -9.81 13.69 -22.03
C ILE B 190 -10.96 13.12 -21.15
N PRO B 191 -11.92 12.29 -21.67
CA PRO B 191 -13.00 11.79 -20.79
C PRO B 191 -12.50 10.83 -19.71
N ALA B 192 -11.40 10.06 -20.00
CA ALA B 192 -10.79 9.13 -19.04
C ALA B 192 -10.22 9.88 -17.83
N VAL B 193 -9.66 11.09 -18.07
CA VAL B 193 -9.10 11.98 -17.04
C VAL B 193 -10.27 12.47 -16.14
N ILE B 194 -11.42 12.80 -16.75
CA ILE B 194 -12.64 13.26 -16.05
C ILE B 194 -13.15 12.13 -15.13
N PHE B 195 -13.22 10.88 -15.65
CA PHE B 195 -13.67 9.70 -14.89
C PHE B 195 -12.70 9.38 -13.74
N LYS B 196 -11.39 9.64 -13.92
CA LYS B 196 -10.36 9.41 -12.91
C LYS B 196 -10.58 10.33 -11.70
N TYR B 197 -10.98 11.59 -11.97
CA TYR B 197 -11.23 12.61 -10.94
C TYR B 197 -12.64 12.51 -10.35
N ILE B 198 -13.66 12.15 -11.17
CA ILE B 198 -15.05 12.07 -10.71
C ILE B 198 -15.30 10.72 -10.01
N GLU B 199 -15.16 9.58 -10.72
CA GLU B 199 -15.43 8.24 -10.18
C GLU B 199 -14.35 7.75 -9.19
N GLY B 200 -13.20 8.43 -9.17
CA GLY B 200 -12.09 8.11 -8.28
C GLY B 200 -11.34 6.84 -8.63
N TRP B 201 -11.40 6.42 -9.90
CA TRP B 201 -10.72 5.22 -10.40
C TRP B 201 -9.22 5.47 -10.61
N THR B 202 -8.44 4.40 -10.87
CA THR B 202 -7.01 4.51 -11.16
C THR B 202 -6.86 4.93 -12.63
N ALA B 203 -5.65 5.39 -13.03
CA ALA B 203 -5.34 5.82 -14.40
C ALA B 203 -5.71 4.73 -15.42
N LEU B 204 -5.41 3.44 -15.11
CA LEU B 204 -5.71 2.28 -15.94
C LEU B 204 -7.21 2.06 -16.03
N GLU B 205 -7.89 1.90 -14.87
CA GLU B 205 -9.34 1.65 -14.74
C GLU B 205 -10.18 2.66 -15.52
N SER B 206 -9.71 3.92 -15.59
CA SER B 206 -10.36 5.01 -16.32
C SER B 206 -10.26 4.78 -17.84
N ILE B 207 -9.04 4.47 -18.36
CA ILE B 207 -8.80 4.19 -19.79
C ILE B 207 -9.53 2.90 -20.16
N TYR B 208 -9.38 1.85 -19.33
CA TYR B 208 -10.00 0.55 -19.46
C TYR B 208 -11.51 0.71 -19.62
N PHE B 209 -12.16 1.55 -18.77
CA PHE B 209 -13.61 1.82 -18.85
C PHE B 209 -13.97 2.43 -20.20
N VAL B 210 -13.29 3.53 -20.60
CA VAL B 210 -13.53 4.23 -21.86
C VAL B 210 -13.41 3.26 -23.06
N VAL B 211 -12.37 2.40 -23.07
CA VAL B 211 -12.12 1.42 -24.13
C VAL B 211 -13.27 0.39 -24.17
N VAL B 212 -13.59 -0.23 -23.01
CA VAL B 212 -14.65 -1.25 -22.86
C VAL B 212 -16.05 -0.62 -23.19
N THR B 213 -16.20 0.70 -23.01
CA THR B 213 -17.45 1.41 -23.33
C THR B 213 -17.59 1.64 -24.83
N LEU B 214 -16.61 2.31 -25.46
CA LEU B 214 -16.64 2.66 -26.88
C LEU B 214 -16.50 1.44 -27.81
N THR B 215 -15.97 0.29 -27.32
CA THR B 215 -15.93 -0.93 -28.14
C THR B 215 -17.29 -1.63 -28.08
N THR B 216 -18.22 -1.12 -27.23
CA THR B 216 -19.58 -1.60 -26.93
C THR B 216 -19.52 -3.01 -26.32
N VAL B 217 -18.33 -3.39 -25.78
CA VAL B 217 -18.11 -4.67 -25.09
C VAL B 217 -18.95 -4.62 -23.81
N GLY B 218 -18.81 -3.53 -23.06
CA GLY B 218 -19.55 -3.25 -21.83
C GLY B 218 -19.67 -4.39 -20.85
N PHE B 219 -18.56 -4.73 -20.17
CA PHE B 219 -18.50 -5.81 -19.18
C PHE B 219 -19.40 -5.49 -17.99
N GLY B 220 -19.35 -4.22 -17.54
CA GLY B 220 -20.14 -3.75 -16.42
C GLY B 220 -19.40 -3.79 -15.10
N ASP B 221 -18.09 -4.13 -15.13
CA ASP B 221 -17.26 -4.16 -13.93
C ASP B 221 -16.95 -2.72 -13.49
N PHE B 222 -17.00 -1.79 -14.46
CA PHE B 222 -16.83 -0.36 -14.27
C PHE B 222 -17.95 0.34 -15.02
N VAL B 223 -18.80 1.07 -14.28
CA VAL B 223 -19.96 1.79 -14.78
C VAL B 223 -19.92 3.23 -14.24
N ALA B 224 -20.03 4.22 -15.14
CA ALA B 224 -20.01 5.63 -14.77
C ALA B 224 -21.26 5.98 -13.93
N GLY B 225 -21.02 6.66 -12.81
CA GLY B 225 -22.04 7.06 -11.84
C GLY B 225 -22.77 5.88 -11.25
N GLY B 226 -22.01 5.03 -10.56
CA GLY B 226 -22.53 3.81 -9.95
C GLY B 226 -22.27 3.66 -8.47
N ASN B 227 -21.32 4.45 -7.93
CA ASN B 227 -20.97 4.39 -6.51
C ASN B 227 -22.04 5.09 -5.67
N ALA B 228 -22.54 4.38 -4.64
CA ALA B 228 -23.57 4.90 -3.73
C ALA B 228 -23.02 6.06 -2.91
N GLY B 229 -21.72 6.02 -2.61
CA GLY B 229 -21.01 7.05 -1.85
C GLY B 229 -20.56 8.25 -2.66
N ILE B 230 -20.85 8.25 -3.98
CA ILE B 230 -20.48 9.34 -4.88
C ILE B 230 -21.65 10.33 -5.02
N ASN B 231 -21.37 11.63 -4.80
CA ASN B 231 -22.35 12.70 -4.90
C ASN B 231 -22.27 13.30 -6.31
N TYR B 232 -22.71 12.51 -7.30
CA TYR B 232 -22.71 12.88 -8.71
C TYR B 232 -23.89 13.79 -9.04
N ARG B 233 -23.63 14.86 -9.81
CA ARG B 233 -24.60 15.84 -10.28
C ARG B 233 -25.67 15.18 -11.20
N GLU B 234 -26.81 15.86 -11.42
CA GLU B 234 -27.91 15.33 -12.25
C GLU B 234 -27.56 15.31 -13.74
N TRP B 235 -26.68 16.23 -14.20
CA TRP B 235 -26.27 16.34 -15.60
C TRP B 235 -25.19 15.31 -15.99
N TYR B 236 -24.64 14.57 -15.02
CA TYR B 236 -23.58 13.57 -15.23
C TYR B 236 -24.01 12.43 -16.16
N LYS B 237 -24.98 11.56 -15.75
CA LYS B 237 -25.46 10.43 -16.55
C LYS B 237 -25.89 10.84 -18.00
N PRO B 238 -26.67 11.94 -18.27
CA PRO B 238 -26.99 12.28 -19.67
C PRO B 238 -25.75 12.71 -20.47
N LEU B 239 -24.79 13.44 -19.85
CA LEU B 239 -23.55 13.89 -20.50
C LEU B 239 -22.65 12.70 -20.84
N VAL B 240 -22.67 11.66 -19.98
CA VAL B 240 -21.93 10.41 -20.16
C VAL B 240 -22.50 9.72 -21.40
N TRP B 241 -23.84 9.58 -21.51
CA TRP B 241 -24.48 8.99 -22.69
C TRP B 241 -24.24 9.88 -23.93
N PHE B 242 -24.19 11.21 -23.77
CA PHE B 242 -23.90 12.11 -24.89
C PHE B 242 -22.47 11.84 -25.40
N TRP B 243 -21.50 11.68 -24.47
CA TRP B 243 -20.10 11.34 -24.80
C TRP B 243 -20.06 10.02 -25.57
N ILE B 244 -20.89 9.01 -25.15
CA ILE B 244 -21.02 7.70 -25.79
C ILE B 244 -21.56 7.88 -27.21
N LEU B 245 -22.62 8.70 -27.38
CA LEU B 245 -23.24 8.99 -28.68
C LEU B 245 -22.24 9.63 -29.66
N VAL B 246 -21.48 10.66 -29.21
CA VAL B 246 -20.51 11.35 -30.06
C VAL B 246 -19.25 10.48 -30.27
N GLY B 247 -18.83 9.77 -29.23
CA GLY B 247 -17.68 8.87 -29.26
C GLY B 247 -17.90 7.68 -30.17
N LEU B 248 -19.12 7.12 -30.17
CA LEU B 248 -19.47 5.97 -31.01
C LEU B 248 -19.71 6.39 -32.46
N ALA B 249 -20.34 7.56 -32.67
CA ALA B 249 -20.63 8.10 -33.99
C ALA B 249 -19.33 8.44 -34.74
N TYR B 250 -18.33 9.00 -34.00
CA TYR B 250 -17.03 9.39 -34.53
C TYR B 250 -16.26 8.20 -35.07
N PHE B 251 -16.00 7.20 -34.21
CA PHE B 251 -15.22 6.02 -34.58
C PHE B 251 -15.98 5.08 -35.54
N ALA B 252 -17.33 5.28 -35.68
CA ALA B 252 -18.15 4.53 -36.62
C ALA B 252 -17.93 5.12 -38.03
N ALA B 253 -17.86 6.48 -38.09
CA ALA B 253 -17.62 7.25 -39.31
C ALA B 253 -16.23 6.94 -39.87
N VAL B 254 -15.25 6.67 -38.99
CA VAL B 254 -13.87 6.33 -39.34
C VAL B 254 -13.86 4.90 -39.93
N LEU B 255 -14.58 3.95 -39.31
CA LEU B 255 -14.65 2.56 -39.81
C LEU B 255 -15.39 2.48 -41.13
N SER B 256 -16.43 3.34 -41.31
CA SER B 256 -17.21 3.45 -42.54
C SER B 256 -16.33 3.90 -43.70
N MET B 257 -15.44 4.87 -43.42
CA MET B 257 -14.49 5.46 -44.35
C MET B 257 -13.46 4.41 -44.78
N ILE B 258 -12.93 3.60 -43.83
CA ILE B 258 -11.94 2.54 -44.09
C ILE B 258 -12.61 1.40 -44.86
N GLY B 259 -13.86 1.10 -44.53
CA GLY B 259 -14.65 0.06 -45.20
C GLY B 259 -14.89 0.39 -46.67
N ASP B 260 -15.43 1.61 -46.93
CA ASP B 260 -15.73 2.11 -48.28
C ASP B 260 -14.49 2.13 -49.18
N TRP B 261 -13.33 2.44 -48.58
CA TRP B 261 -12.04 2.48 -49.27
C TRP B 261 -11.55 1.07 -49.61
N LEU B 262 -11.80 0.09 -48.70
CA LEU B 262 -11.41 -1.31 -48.89
C LEU B 262 -12.25 -1.97 -49.99
N ARG B 263 -13.51 -1.53 -50.17
CA ARG B 263 -14.44 -2.00 -51.21
C ARG B 263 -13.96 -1.54 -52.60
N VAL B 264 -13.37 -0.31 -52.65
CA VAL B 264 -12.79 0.29 -53.85
C VAL B 264 -11.52 -0.49 -54.23
N LEU B 265 -10.74 -0.92 -53.22
CA LEU B 265 -9.50 -1.71 -53.37
C LEU B 265 -9.80 -3.11 -53.92
N SER B 266 -10.92 -3.73 -53.50
CA SER B 266 -11.35 -5.05 -53.96
C SER B 266 -11.86 -4.99 -55.42
N LYS B 267 -12.61 -3.94 -55.79
CA LYS B 267 -13.13 -3.74 -57.14
C LYS B 267 -12.11 -3.03 -58.03
N LYS C 8 5.54 28.47 16.41
CA LYS C 8 6.04 29.36 15.38
C LYS C 8 7.43 28.95 14.91
N TRP C 9 7.69 29.03 13.59
CA TRP C 9 8.97 28.67 12.96
C TRP C 9 10.09 29.66 13.30
N LYS C 10 9.74 30.92 13.65
CA LYS C 10 10.69 31.97 14.03
C LYS C 10 11.41 31.60 15.32
N THR C 11 10.66 31.00 16.28
CA THR C 11 11.20 30.54 17.58
C THR C 11 11.96 29.22 17.41
N VAL C 12 11.56 28.37 16.43
CA VAL C 12 12.22 27.09 16.13
C VAL C 12 13.65 27.35 15.64
N VAL C 13 13.81 28.31 14.70
CA VAL C 13 15.10 28.73 14.15
C VAL C 13 15.92 29.41 15.28
N ALA C 14 15.24 30.14 16.19
CA ALA C 14 15.85 30.80 17.35
C ALA C 14 16.45 29.76 18.32
N ILE C 15 15.70 28.67 18.63
CA ILE C 15 16.17 27.58 19.50
C ILE C 15 17.35 26.86 18.83
N PHE C 16 17.31 26.69 17.49
CA PHE C 16 18.39 26.06 16.70
C PHE C 16 19.70 26.82 16.86
N VAL C 17 19.67 28.18 16.85
CA VAL C 17 20.85 29.02 17.03
C VAL C 17 21.38 28.83 18.46
N VAL C 18 20.48 28.88 19.48
CA VAL C 18 20.81 28.69 20.90
C VAL C 18 21.53 27.33 21.09
N VAL C 19 20.99 26.26 20.47
CA VAL C 19 21.52 24.89 20.52
C VAL C 19 22.91 24.81 19.83
N VAL C 20 23.05 25.33 18.59
CA VAL C 20 24.30 25.31 17.81
C VAL C 20 25.40 26.09 18.58
N VAL C 21 25.06 27.24 19.18
CA VAL C 21 25.97 28.05 19.98
C VAL C 21 26.35 27.24 21.25
N TYR C 22 25.36 26.56 21.87
CA TYR C 22 25.53 25.73 23.07
C TYR C 22 26.52 24.59 22.84
N LEU C 23 26.49 23.95 21.65
CA LEU C 23 27.39 22.85 21.29
C LEU C 23 28.81 23.36 21.03
N VAL C 24 28.94 24.58 20.47
CA VAL C 24 30.25 25.20 20.21
C VAL C 24 30.85 25.59 21.57
N THR C 25 30.03 26.21 22.45
CA THR C 25 30.39 26.60 23.83
C THR C 25 30.85 25.36 24.59
N GLY C 26 30.01 24.31 24.59
CA GLY C 26 30.28 23.03 25.22
C GLY C 26 31.54 22.37 24.71
N GLY C 27 31.69 22.35 23.38
CA GLY C 27 32.85 21.79 22.68
C GLY C 27 34.16 22.45 23.10
N LEU C 28 34.14 23.78 23.24
CA LEU C 28 35.31 24.58 23.66
C LEU C 28 35.66 24.33 25.13
N VAL C 29 34.64 24.17 25.99
CA VAL C 29 34.82 23.92 27.44
C VAL C 29 35.39 22.50 27.64
N PHE C 30 34.83 21.49 26.94
CA PHE C 30 35.28 20.10 27.04
C PHE C 30 36.72 19.93 26.57
N ARG C 31 37.11 20.56 25.44
CA ARG C 31 38.49 20.47 24.93
C ARG C 31 39.48 21.17 25.88
N ALA C 32 39.05 22.27 26.54
CA ALA C 32 39.90 23.01 27.48
C ALA C 32 40.14 22.17 28.75
N LEU C 33 39.14 21.35 29.13
CA LEU C 33 39.20 20.48 30.31
C LEU C 33 39.88 19.15 30.06
N GLU C 34 39.67 18.54 28.87
CA GLU C 34 40.11 17.19 28.55
C GLU C 34 41.40 17.06 27.73
N GLN C 35 41.63 17.92 26.70
CA GLN C 35 42.83 17.84 25.85
C GLN C 35 44.17 17.84 26.65
N PRO C 36 44.37 18.63 27.75
CA PRO C 36 45.66 18.55 28.47
C PRO C 36 45.89 17.16 29.09
N PHE C 37 44.84 16.54 29.65
CA PHE C 37 44.93 15.20 30.24
C PHE C 37 45.09 14.13 29.16
N GLU C 38 44.47 14.34 27.98
CA GLU C 38 44.54 13.44 26.81
C GLU C 38 45.99 13.38 26.31
N SER C 39 46.67 14.53 26.27
CA SER C 39 48.07 14.65 25.86
C SER C 39 48.98 14.08 26.96
N SER C 40 48.55 14.20 28.24
CA SER C 40 49.26 13.68 29.41
C SER C 40 49.24 12.15 29.44
N GLN C 41 48.10 11.55 29.04
CA GLN C 41 47.94 10.09 28.94
C GLN C 41 48.73 9.52 27.77
N LYS C 42 48.75 10.26 26.64
CA LYS C 42 49.45 9.91 25.40
C LYS C 42 50.96 9.74 25.66
N ASN C 43 51.51 10.60 26.53
CA ASN C 43 52.91 10.57 26.97
C ASN C 43 53.18 9.34 27.87
N THR C 44 52.22 9.00 28.77
CA THR C 44 52.33 7.86 29.68
C THR C 44 52.41 6.56 28.90
N ILE C 45 51.58 6.42 27.84
CA ILE C 45 51.52 5.24 26.99
C ILE C 45 52.86 5.04 26.28
N ALA C 46 53.42 6.14 25.74
CA ALA C 46 54.72 6.15 25.08
C ALA C 46 55.80 5.63 26.02
N LEU C 47 55.65 5.89 27.35
CA LEU C 47 56.57 5.47 28.41
C LEU C 47 56.34 4.01 28.81
N GLU C 48 55.07 3.60 29.02
CA GLU C 48 54.68 2.24 29.40
C GLU C 48 55.21 1.19 28.43
N LYS C 49 55.03 1.45 27.11
CA LYS C 49 55.43 0.57 26.01
C LYS C 49 56.94 0.50 25.91
N ALA C 50 57.62 1.67 25.96
CA ALA C 50 59.08 1.75 25.88
C ALA C 50 59.75 1.06 27.06
N GLU C 51 59.21 1.26 28.29
CA GLU C 51 59.74 0.65 29.51
C GLU C 51 59.53 -0.86 29.50
N PHE C 52 58.42 -1.33 28.87
CA PHE C 52 58.10 -2.75 28.77
C PHE C 52 59.13 -3.45 27.89
N LEU C 53 59.45 -2.86 26.73
CA LEU C 53 60.42 -3.38 25.76
C LEU C 53 61.84 -3.36 26.32
N ARG C 54 62.10 -2.45 27.29
CA ARG C 54 63.38 -2.36 27.97
C ARG C 54 63.48 -3.53 28.97
N ASP C 55 62.38 -3.81 29.69
CA ASP C 55 62.28 -4.88 30.68
C ASP C 55 62.22 -6.28 30.03
N HIS C 56 61.67 -6.38 28.82
CA HIS C 56 61.51 -7.63 28.09
C HIS C 56 62.15 -7.53 26.71
N VAL C 57 63.47 -7.80 26.67
CA VAL C 57 64.34 -7.74 25.48
C VAL C 57 63.96 -8.79 24.42
N CYS C 58 63.43 -9.95 24.84
CA CYS C 58 63.01 -11.07 23.99
C CYS C 58 61.81 -10.69 23.07
N VAL C 59 61.09 -9.58 23.41
CA VAL C 59 59.93 -9.05 22.68
C VAL C 59 60.40 -7.92 21.75
N SER C 60 59.98 -7.96 20.47
CA SER C 60 60.31 -6.93 19.48
C SER C 60 59.28 -5.79 19.55
N PRO C 61 59.61 -4.54 19.13
CA PRO C 61 58.61 -3.46 19.18
C PRO C 61 57.39 -3.71 18.27
N GLN C 62 57.58 -4.43 17.16
CA GLN C 62 56.52 -4.77 16.22
C GLN C 62 55.65 -5.88 16.80
N GLU C 63 56.28 -6.85 17.50
CA GLU C 63 55.66 -8.00 18.18
C GLU C 63 54.72 -7.54 19.30
N LEU C 64 55.09 -6.41 19.93
CA LEU C 64 54.29 -5.80 20.98
C LEU C 64 53.03 -5.19 20.35
N GLU C 65 53.17 -4.46 19.21
CA GLU C 65 52.03 -3.84 18.51
C GLU C 65 51.01 -4.87 18.13
N THR C 66 51.48 -6.02 17.57
CA THR C 66 50.64 -7.14 17.13
C THR C 66 49.83 -7.69 18.30
N LEU C 67 50.47 -7.86 19.47
CA LEU C 67 49.83 -8.35 20.70
C LEU C 67 48.78 -7.35 21.20
N ILE C 68 49.12 -6.04 21.20
CA ILE C 68 48.18 -4.97 21.61
C ILE C 68 46.97 -4.98 20.67
N GLN C 69 47.23 -5.08 19.34
CA GLN C 69 46.19 -5.12 18.30
C GLN C 69 45.28 -6.31 18.51
N HIS C 70 45.83 -7.51 18.82
CA HIS C 70 45.06 -8.72 19.10
C HIS C 70 44.16 -8.51 20.32
N ALA C 71 44.67 -7.82 21.35
CA ALA C 71 43.92 -7.51 22.58
C ALA C 71 42.80 -6.52 22.28
N LEU C 72 43.07 -5.51 21.42
CA LEU C 72 42.11 -4.47 21.02
C LEU C 72 41.00 -5.02 20.13
N ASP C 73 41.34 -5.94 19.19
CA ASP C 73 40.39 -6.59 18.27
C ASP C 73 39.48 -7.53 19.05
N ALA C 74 40.01 -8.13 20.13
CA ALA C 74 39.29 -9.04 21.02
C ALA C 74 38.19 -8.29 21.77
N ASP C 75 38.56 -7.18 22.43
CA ASP C 75 37.68 -6.32 23.21
C ASP C 75 36.66 -5.64 22.31
N ASN C 76 37.07 -5.22 21.09
CA ASN C 76 36.23 -4.61 20.06
C ASN C 76 35.15 -5.61 19.61
N ALA C 77 35.47 -6.91 19.57
CA ALA C 77 34.52 -7.97 19.23
C ALA C 77 33.56 -8.23 20.41
N GLY C 78 33.99 -7.89 21.62
CA GLY C 78 33.19 -8.06 22.85
C GLY C 78 33.70 -9.13 23.79
N VAL C 79 34.93 -9.61 23.56
CA VAL C 79 35.58 -10.66 24.37
C VAL C 79 36.77 -10.04 25.11
N SER C 80 36.72 -10.04 26.46
CA SER C 80 37.77 -9.47 27.30
C SER C 80 39.10 -10.21 27.10
N PRO C 81 40.18 -9.50 26.73
CA PRO C 81 41.46 -10.19 26.53
C PRO C 81 42.18 -10.49 27.86
N ILE C 82 41.50 -10.25 29.01
CA ILE C 82 42.04 -10.52 30.34
C ILE C 82 41.52 -11.89 30.82
N HIS C 91 29.78 -12.69 30.09
CA HIS C 91 29.00 -11.47 29.91
C HIS C 91 27.62 -11.78 29.33
N TRP C 92 27.40 -13.03 28.91
CA TRP C 92 26.12 -13.44 28.33
C TRP C 92 25.44 -14.53 29.18
N ASP C 93 25.55 -14.46 30.51
CA ASP C 93 24.88 -15.41 31.41
C ASP C 93 23.41 -15.01 31.52
N LEU C 94 22.53 -15.92 32.00
CA LEU C 94 21.08 -15.68 32.15
C LEU C 94 20.77 -14.30 32.77
N GLY C 95 21.51 -13.94 33.82
CA GLY C 95 21.37 -12.67 34.53
C GLY C 95 21.91 -11.47 33.78
N SER C 96 23.15 -11.58 33.28
CA SER C 96 23.84 -10.51 32.55
C SER C 96 23.14 -10.17 31.22
N ALA C 97 22.62 -11.19 30.52
CA ALA C 97 21.89 -11.04 29.26
C ALA C 97 20.51 -10.42 29.48
N PHE C 98 19.93 -10.63 30.69
CA PHE C 98 18.64 -10.06 31.10
C PHE C 98 18.82 -8.58 31.39
N PHE C 99 20.00 -8.20 31.91
CA PHE C 99 20.37 -6.82 32.22
C PHE C 99 20.64 -6.03 30.93
N PHE C 100 21.27 -6.69 29.93
CA PHE C 100 21.59 -6.11 28.62
C PHE C 100 20.32 -5.76 27.84
N ALA C 101 19.33 -6.66 27.85
CA ALA C 101 18.05 -6.45 27.16
C ALA C 101 17.43 -5.12 27.60
N GLY C 102 17.39 -4.89 28.92
CA GLY C 102 16.87 -3.69 29.56
C GLY C 102 17.62 -2.42 29.22
N THR C 103 18.93 -2.55 28.94
CA THR C 103 19.84 -1.46 28.57
C THR C 103 19.46 -0.91 27.18
N VAL C 104 18.87 -1.76 26.30
CA VAL C 104 18.41 -1.36 24.97
C VAL C 104 17.03 -0.71 25.10
N ILE C 105 16.13 -1.34 25.89
CA ILE C 105 14.73 -0.93 26.14
C ILE C 105 14.67 0.48 26.77
N THR C 106 15.57 0.79 27.73
CA THR C 106 15.65 2.09 28.41
C THR C 106 16.39 3.15 27.56
N THR C 107 16.93 2.74 26.38
CA THR C 107 17.72 3.53 25.43
C THR C 107 19.05 4.04 26.07
N ILE C 108 19.44 3.46 27.23
CA ILE C 108 20.68 3.83 27.93
C ILE C 108 21.86 3.38 27.06
N GLY C 109 21.80 2.12 26.60
CA GLY C 109 22.80 1.50 25.72
C GLY C 109 24.23 1.79 26.10
N TYR C 110 24.69 1.25 27.26
CA TYR C 110 26.03 1.43 27.79
C TYR C 110 27.10 1.13 26.74
N GLY C 111 27.00 -0.06 26.13
CA GLY C 111 27.93 -0.49 25.09
C GLY C 111 29.08 -1.34 25.57
N ASN C 112 29.23 -1.51 26.92
CA ASN C 112 30.25 -2.36 27.53
C ASN C 112 30.05 -3.81 27.03
N ILE C 113 28.77 -4.16 26.80
CA ILE C 113 28.29 -5.41 26.22
C ILE C 113 27.47 -5.01 24.99
N ALA C 114 27.78 -5.59 23.82
CA ALA C 114 27.08 -5.32 22.56
C ALA C 114 27.01 -6.59 21.68
N PRO C 115 25.92 -6.81 20.89
CA PRO C 115 25.83 -8.02 20.06
C PRO C 115 26.92 -8.09 19.00
N SER C 116 27.69 -9.19 19.02
CA SER C 116 28.82 -9.48 18.13
C SER C 116 28.37 -10.30 16.91
N THR C 117 27.44 -11.26 17.12
CA THR C 117 26.88 -12.14 16.11
C THR C 117 26.04 -11.34 15.11
N GLU C 118 26.12 -11.70 13.81
CA GLU C 118 25.36 -11.09 12.72
C GLU C 118 23.86 -11.19 13.01
N GLY C 119 23.45 -12.38 13.47
CA GLY C 119 22.07 -12.67 13.87
C GLY C 119 21.68 -11.95 15.13
N GLY C 120 22.64 -11.84 16.06
CA GLY C 120 22.49 -11.13 17.33
C GLY C 120 22.23 -9.65 17.12
N LYS C 121 22.80 -9.09 16.03
CA LYS C 121 22.62 -7.70 15.62
C LYS C 121 21.23 -7.53 15.02
N ILE C 122 20.79 -8.46 14.15
CA ILE C 122 19.46 -8.49 13.51
C ILE C 122 18.37 -8.48 14.58
N PHE C 123 18.47 -9.40 15.57
CA PHE C 123 17.50 -9.49 16.67
C PHE C 123 17.52 -8.22 17.52
N CYS C 124 18.72 -7.62 17.75
CA CYS C 124 18.86 -6.39 18.53
C CYS C 124 18.12 -5.22 17.86
N ILE C 125 18.13 -5.16 16.51
CA ILE C 125 17.46 -4.12 15.71
C ILE C 125 15.94 -4.25 15.92
N LEU C 126 15.40 -5.47 15.74
CA LEU C 126 13.97 -5.77 15.90
C LEU C 126 13.52 -5.62 17.35
N TYR C 127 14.38 -6.03 18.31
CA TYR C 127 14.10 -5.97 19.75
C TYR C 127 13.96 -4.51 20.21
N ALA C 128 14.78 -3.59 19.66
CA ALA C 128 14.75 -2.17 19.99
C ALA C 128 13.51 -1.49 19.40
N ILE C 129 13.24 -1.73 18.09
CA ILE C 129 12.11 -1.16 17.34
C ILE C 129 10.77 -1.41 18.07
N PHE C 130 10.54 -2.64 18.56
CA PHE C 130 9.31 -3.00 19.27
C PHE C 130 9.40 -2.82 20.79
N GLY C 131 10.59 -2.96 21.35
CA GLY C 131 10.82 -2.88 22.78
C GLY C 131 10.84 -1.51 23.44
N ILE C 132 11.44 -0.51 22.77
CA ILE C 132 11.54 0.87 23.29
C ILE C 132 10.12 1.48 23.45
N PRO C 133 9.15 1.36 22.48
CA PRO C 133 7.81 1.92 22.72
C PRO C 133 7.09 1.22 23.86
N LEU C 134 7.34 -0.11 24.04
CA LEU C 134 6.77 -0.93 25.12
C LEU C 134 7.17 -0.36 26.48
N PHE C 135 8.41 0.16 26.60
CA PHE C 135 8.90 0.78 27.82
C PHE C 135 8.26 2.14 28.02
N GLY C 136 8.03 2.85 26.92
CA GLY C 136 7.39 4.16 26.90
C GLY C 136 6.00 4.10 27.52
N PHE C 137 5.25 3.01 27.20
CA PHE C 137 3.92 2.73 27.72
C PHE C 137 3.96 2.47 29.23
N LEU C 138 4.99 1.73 29.70
CA LEU C 138 5.18 1.42 31.13
C LEU C 138 5.57 2.67 31.90
N LEU C 139 6.49 3.47 31.34
CA LEU C 139 6.99 4.71 31.93
C LEU C 139 5.90 5.78 31.97
N ALA C 140 4.99 5.78 30.98
CA ALA C 140 3.85 6.70 30.93
C ALA C 140 2.81 6.29 31.97
N GLY C 141 2.68 4.97 32.17
CA GLY C 141 1.77 4.37 33.13
C GLY C 141 2.09 4.75 34.56
N ILE C 142 3.39 4.64 34.93
CA ILE C 142 3.89 5.01 36.27
C ILE C 142 3.85 6.55 36.37
N GLY C 143 4.13 7.24 35.27
CA GLY C 143 4.10 8.69 35.15
C GLY C 143 2.72 9.28 35.36
N ASP C 144 1.67 8.53 35.00
CA ASP C 144 0.27 8.93 35.16
C ASP C 144 -0.16 8.83 36.62
N GLN C 145 0.24 7.73 37.31
CA GLN C 145 -0.07 7.47 38.71
C GLN C 145 0.65 8.47 39.63
N LEU C 146 1.94 8.76 39.33
CA LEU C 146 2.77 9.71 40.08
C LEU C 146 2.28 11.15 39.87
N GLY C 147 1.70 11.42 38.70
CA GLY C 147 1.12 12.72 38.35
C GLY C 147 -0.05 13.09 39.21
N THR C 148 -0.85 12.07 39.61
CA THR C 148 -1.99 12.17 40.50
C THR C 148 -1.50 12.43 41.94
N ILE C 149 -0.35 11.82 42.32
CA ILE C 149 0.30 11.97 43.62
C ILE C 149 0.87 13.39 43.74
N PHE C 150 1.52 13.89 42.65
CA PHE C 150 2.10 15.23 42.58
C PHE C 150 1.01 16.29 42.55
N GLY C 151 -0.05 16.04 41.76
CA GLY C 151 -1.20 16.93 41.60
C GLY C 151 -1.97 17.18 42.89
N LYS C 152 -2.17 16.12 43.69
CA LYS C 152 -2.86 16.18 44.98
C LYS C 152 -2.03 16.93 46.02
N SER C 153 -0.68 16.83 45.92
CA SER C 153 0.26 17.48 46.82
C SER C 153 0.38 18.98 46.55
N ILE C 154 0.27 19.42 45.28
CA ILE C 154 0.34 20.83 44.91
C ILE C 154 -1.00 21.50 45.22
N ALA C 155 -2.13 20.78 45.07
CA ALA C 155 -3.49 21.26 45.37
C ALA C 155 -3.64 21.55 46.88
N ARG C 156 -2.90 20.80 47.71
CA ARG C 156 -2.87 20.94 49.17
C ARG C 156 -2.16 22.25 49.57
N VAL C 157 -1.01 22.56 48.91
CA VAL C 157 -0.19 23.75 49.14
C VAL C 157 -0.90 25.01 48.63
N GLU C 158 -1.61 24.91 47.48
CA GLU C 158 -2.35 26.01 46.86
C GLU C 158 -3.53 26.47 47.72
N LYS C 159 -4.13 25.54 48.51
CA LYS C 159 -5.26 25.82 49.40
C LYS C 159 -4.82 26.73 50.57
N VAL C 160 -3.55 26.60 50.99
CA VAL C 160 -2.95 27.39 52.07
C VAL C 160 -2.71 28.84 51.62
N PHE C 161 -2.15 29.02 50.40
CA PHE C 161 -1.84 30.33 49.82
C PHE C 161 -2.97 30.88 48.93
N ARG C 162 -4.24 30.52 49.25
CA ARG C 162 -5.42 31.02 48.53
C ARG C 162 -5.61 32.50 48.85
N LYS C 163 -5.54 32.86 50.15
CA LYS C 163 -5.67 34.23 50.65
C LYS C 163 -4.29 34.90 50.77
N LYS C 164 -3.22 34.09 50.89
CA LYS C 164 -1.83 34.57 51.00
C LYS C 164 -1.28 34.95 49.63
N ARG C 172 3.31 26.86 41.80
CA ARG C 172 3.71 25.79 40.90
C ARG C 172 5.24 25.70 40.75
N VAL C 173 5.96 26.84 40.82
CA VAL C 173 7.42 26.87 40.70
C VAL C 173 8.05 26.33 42.02
N ILE C 174 7.53 26.80 43.17
CA ILE C 174 7.97 26.39 44.52
C ILE C 174 7.71 24.90 44.76
N SER C 175 6.62 24.36 44.19
CA SER C 175 6.21 22.96 44.31
C SER C 175 7.11 22.03 43.45
N THR C 176 7.40 22.43 42.19
CA THR C 176 8.22 21.68 41.25
C THR C 176 9.69 21.57 41.72
N ILE C 177 10.23 22.65 42.34
CA ILE C 177 11.60 22.67 42.90
C ILE C 177 11.71 21.59 44.00
N LEU C 178 10.65 21.45 44.83
CA LEU C 178 10.57 20.46 45.89
C LEU C 178 10.56 19.03 45.34
N PHE C 179 9.77 18.78 44.26
CA PHE C 179 9.67 17.46 43.61
C PHE C 179 10.98 17.07 42.94
N ILE C 180 11.73 18.05 42.40
CA ILE C 180 13.04 17.85 41.76
C ILE C 180 14.06 17.46 42.84
N LEU C 181 14.05 18.18 43.99
CA LEU C 181 14.94 17.92 45.12
C LEU C 181 14.60 16.62 45.83
N ALA C 182 13.30 16.23 45.85
CA ALA C 182 12.82 14.98 46.45
C ALA C 182 13.44 13.77 45.73
N GLY C 183 13.41 13.80 44.40
CA GLY C 183 13.99 12.77 43.54
C GLY C 183 15.51 12.82 43.52
N CYS C 184 16.10 14.00 43.83
CA CYS C 184 17.53 14.20 43.89
C CYS C 184 18.13 13.58 45.15
N ILE C 185 17.32 13.43 46.21
CA ILE C 185 17.77 12.82 47.46
C ILE C 185 17.55 11.30 47.39
N VAL C 186 16.30 10.89 47.09
CA VAL C 186 15.83 9.50 47.05
C VAL C 186 16.47 8.70 45.89
N PHE C 187 16.43 9.22 44.65
CA PHE C 187 16.92 8.50 43.46
C PHE C 187 18.30 8.96 42.94
N VAL C 188 18.90 10.04 43.50
CA VAL C 188 20.21 10.48 43.02
C VAL C 188 21.28 10.38 44.14
N THR C 189 21.09 11.08 45.28
CA THR C 189 22.06 11.12 46.38
C THR C 189 22.22 9.75 47.07
N ILE C 190 21.11 9.18 47.61
CA ILE C 190 21.09 7.89 48.32
C ILE C 190 21.63 6.72 47.45
N PRO C 191 21.21 6.49 46.17
CA PRO C 191 21.77 5.35 45.41
C PRO C 191 23.25 5.54 45.06
N ALA C 192 23.72 6.81 44.91
CA ALA C 192 25.12 7.12 44.62
C ALA C 192 26.03 6.73 45.81
N VAL C 193 25.50 6.89 47.06
CA VAL C 193 26.19 6.54 48.31
C VAL C 193 26.41 5.02 48.38
N ILE C 194 25.43 4.22 47.92
CA ILE C 194 25.49 2.76 47.88
C ILE C 194 26.50 2.30 46.82
N PHE C 195 26.57 3.01 45.67
CA PHE C 195 27.47 2.74 44.54
C PHE C 195 28.93 2.99 44.90
N LYS C 196 29.20 3.92 45.85
CA LYS C 196 30.54 4.26 46.32
C LYS C 196 31.11 3.16 47.22
N TYR C 197 30.23 2.37 47.87
CA TYR C 197 30.57 1.28 48.77
C TYR C 197 30.60 -0.08 48.06
N ILE C 198 29.58 -0.37 47.23
CA ILE C 198 29.44 -1.64 46.49
C ILE C 198 30.49 -1.77 45.38
N GLU C 199 30.54 -0.79 44.44
CA GLU C 199 31.49 -0.81 43.32
C GLU C 199 32.86 -0.22 43.67
N GLY C 200 32.90 0.66 44.68
CA GLY C 200 34.13 1.29 45.15
C GLY C 200 34.67 2.40 44.27
N TRP C 201 33.77 3.16 43.59
CA TRP C 201 34.14 4.29 42.74
C TRP C 201 34.44 5.53 43.60
N THR C 202 35.03 6.59 42.99
CA THR C 202 35.34 7.83 43.70
C THR C 202 34.03 8.59 44.00
N ALA C 203 34.09 9.57 44.92
CA ALA C 203 32.94 10.39 45.32
C ALA C 203 32.25 11.03 44.10
N LEU C 204 33.06 11.55 43.14
CA LEU C 204 32.60 12.18 41.91
C LEU C 204 31.95 11.17 40.99
N GLU C 205 32.68 10.07 40.66
CA GLU C 205 32.28 8.97 39.78
C GLU C 205 30.93 8.37 40.19
N SER C 206 30.64 8.31 41.51
CA SER C 206 29.40 7.79 42.09
C SER C 206 28.19 8.58 41.59
N ILE C 207 28.21 9.93 41.74
CA ILE C 207 27.15 10.84 41.29
C ILE C 207 27.16 10.98 39.76
N TYR C 208 28.35 10.83 39.12
CA TYR C 208 28.55 10.90 37.67
C TYR C 208 27.86 9.75 36.96
N PHE C 209 28.02 8.52 37.47
CA PHE C 209 27.41 7.30 36.91
C PHE C 209 25.89 7.40 36.99
N VAL C 210 25.36 7.87 38.14
CA VAL C 210 23.94 8.05 38.43
C VAL C 210 23.29 9.03 37.43
N VAL C 211 23.92 10.21 37.21
CA VAL C 211 23.45 11.25 36.29
C VAL C 211 23.44 10.72 34.83
N VAL C 212 24.56 10.12 34.36
CA VAL C 212 24.71 9.58 32.99
C VAL C 212 23.71 8.41 32.75
N THR C 213 23.37 7.63 33.80
CA THR C 213 22.40 6.52 33.68
C THR C 213 20.97 7.06 33.52
N LEU C 214 20.54 7.94 34.43
CA LEU C 214 19.19 8.51 34.46
C LEU C 214 18.92 9.44 33.26
N THR C 215 19.96 10.12 32.70
CA THR C 215 19.80 10.97 31.50
C THR C 215 19.70 10.10 30.24
N THR C 216 19.85 8.75 30.40
CA THR C 216 19.84 7.68 29.37
C THR C 216 20.96 7.91 28.34
N VAL C 217 21.97 8.73 28.69
CA VAL C 217 23.13 9.03 27.86
C VAL C 217 23.92 7.71 27.75
N GLY C 218 24.17 7.07 28.90
CA GLY C 218 24.85 5.78 29.02
C GLY C 218 26.09 5.61 28.19
N PHE C 219 27.20 6.28 28.58
CA PHE C 219 28.48 6.21 27.89
C PHE C 219 29.05 4.81 27.96
N GLY C 220 28.96 4.18 29.14
CA GLY C 220 29.46 2.83 29.36
C GLY C 220 30.85 2.78 29.95
N ASP C 221 31.42 3.96 30.30
CA ASP C 221 32.74 4.08 30.93
C ASP C 221 32.66 3.61 32.39
N PHE C 222 31.45 3.70 32.97
CA PHE C 222 31.09 3.23 34.30
C PHE C 222 29.81 2.44 34.19
N VAL C 223 29.85 1.16 34.56
CA VAL C 223 28.71 0.23 34.49
C VAL C 223 28.62 -0.51 35.83
N ALA C 224 27.39 -0.68 36.38
CA ALA C 224 27.14 -1.39 37.63
C ALA C 224 27.45 -2.90 37.46
N GLY C 225 28.21 -3.45 38.41
CA GLY C 225 28.61 -4.85 38.42
C GLY C 225 29.70 -5.16 37.41
N PRO C 238 19.69 -6.86 39.00
CA PRO C 238 18.23 -6.67 39.16
C PRO C 238 17.89 -5.46 40.01
N LEU C 239 18.63 -5.22 41.13
CA LEU C 239 18.45 -4.09 42.04
C LEU C 239 18.78 -2.77 41.34
N VAL C 240 19.76 -2.82 40.40
CA VAL C 240 20.19 -1.70 39.57
C VAL C 240 19.11 -1.43 38.51
N TRP C 241 18.61 -2.52 37.88
CA TRP C 241 17.55 -2.49 36.86
C TRP C 241 16.22 -2.02 37.47
N PHE C 242 16.03 -2.25 38.78
CA PHE C 242 14.85 -1.81 39.53
C PHE C 242 14.93 -0.31 39.77
N TRP C 243 16.10 0.18 40.26
CA TRP C 243 16.39 1.59 40.54
C TRP C 243 16.26 2.43 39.26
N ILE C 244 16.74 1.90 38.11
CA ILE C 244 16.67 2.54 36.80
C ILE C 244 15.19 2.78 36.44
N LEU C 245 14.32 1.75 36.61
CA LEU C 245 12.89 1.79 36.30
C LEU C 245 12.12 2.81 37.16
N VAL C 246 12.29 2.76 38.50
CA VAL C 246 11.61 3.68 39.43
C VAL C 246 12.16 5.10 39.24
N GLY C 247 13.49 5.21 39.08
CA GLY C 247 14.18 6.48 38.87
C GLY C 247 13.79 7.20 37.59
N LEU C 248 13.71 6.46 36.46
CA LEU C 248 13.34 7.00 35.14
C LEU C 248 11.91 7.51 35.11
N ALA C 249 10.98 6.76 35.70
CA ALA C 249 9.55 7.09 35.75
C ALA C 249 9.26 8.27 36.68
N TYR C 250 10.06 8.42 37.77
CA TYR C 250 9.92 9.49 38.76
C TYR C 250 10.21 10.87 38.16
N PHE C 251 11.24 10.97 37.30
CA PHE C 251 11.62 12.22 36.64
C PHE C 251 10.85 12.43 35.32
N ALA C 252 10.28 11.35 34.73
CA ALA C 252 9.46 11.43 33.52
C ALA C 252 8.11 12.05 33.85
N ALA C 253 7.62 11.79 35.07
CA ALA C 253 6.36 12.30 35.61
C ALA C 253 6.46 13.82 35.89
N VAL C 254 7.67 14.29 36.27
CA VAL C 254 7.98 15.69 36.54
C VAL C 254 7.99 16.46 35.20
N LEU C 255 8.64 15.89 34.14
CA LEU C 255 8.69 16.51 32.81
C LEU C 255 7.31 16.54 32.16
N SER C 256 6.47 15.52 32.42
CA SER C 256 5.10 15.41 31.92
C SER C 256 4.24 16.53 32.50
N MET C 257 4.44 16.81 33.80
CA MET C 257 3.77 17.85 34.57
C MET C 257 4.13 19.25 34.02
N ILE C 258 5.45 19.48 33.73
CA ILE C 258 5.93 20.76 33.19
C ILE C 258 5.46 20.93 31.73
N GLY C 259 5.41 19.82 30.99
CA GLY C 259 4.94 19.79 29.61
C GLY C 259 3.48 20.13 29.46
N ASP C 260 2.62 19.51 30.29
CA ASP C 260 1.16 19.73 30.33
C ASP C 260 0.83 21.17 30.73
N TRP C 261 1.63 21.76 31.64
CA TRP C 261 1.47 23.13 32.11
C TRP C 261 1.86 24.14 31.03
N LEU C 262 2.91 23.83 30.23
CA LEU C 262 3.39 24.68 29.12
C LEU C 262 2.37 24.72 27.97
N ARG C 263 1.62 23.60 27.77
CA ARG C 263 0.57 23.48 26.75
C ARG C 263 -0.64 24.36 27.13
N VAL C 264 -0.91 24.48 28.45
CA VAL C 264 -1.98 25.32 29.03
C VAL C 264 -1.60 26.80 28.84
N LEU C 265 -0.28 27.11 28.98
CA LEU C 265 0.29 28.46 28.81
C LEU C 265 0.18 28.92 27.35
N SER C 266 0.38 28.00 26.39
CA SER C 266 0.30 28.28 24.95
C SER C 266 -1.16 28.52 24.51
N LYS C 267 -2.11 27.73 25.04
CA LYS C 267 -3.54 27.83 24.74
C LYS C 267 -4.21 28.85 25.65
N LYS D 8 -5.12 3.55 34.86
CA LYS D 8 -5.44 2.56 35.88
C LYS D 8 -4.20 1.78 36.29
N TRP D 9 -4.04 1.50 37.61
CA TRP D 9 -2.90 0.77 38.18
C TRP D 9 -2.91 -0.73 37.80
N LYS D 10 -4.10 -1.28 37.49
CA LYS D 10 -4.28 -2.69 37.08
C LYS D 10 -3.56 -2.94 35.75
N THR D 11 -3.65 -1.98 34.81
CA THR D 11 -3.01 -2.04 33.50
C THR D 11 -1.50 -1.74 33.61
N VAL D 12 -1.09 -0.91 34.60
CA VAL D 12 0.31 -0.55 34.86
C VAL D 12 1.08 -1.82 35.29
N VAL D 13 0.50 -2.58 36.24
CA VAL D 13 1.06 -3.85 36.72
C VAL D 13 1.06 -4.89 35.59
N ALA D 14 0.03 -4.84 34.70
CA ALA D 14 -0.10 -5.71 33.53
C ALA D 14 1.03 -5.45 32.52
N ILE D 15 1.34 -4.16 32.24
CA ILE D 15 2.43 -3.77 31.32
C ILE D 15 3.78 -4.19 31.94
N PHE D 16 3.93 -4.07 33.28
CA PHE D 16 5.13 -4.47 34.02
C PHE D 16 5.44 -5.96 33.81
N VAL D 17 4.40 -6.83 33.84
CA VAL D 17 4.54 -8.28 33.63
C VAL D 17 4.99 -8.52 32.18
N VAL D 18 4.33 -7.87 31.20
CA VAL D 18 4.65 -7.96 29.77
C VAL D 18 6.13 -7.58 29.54
N VAL D 19 6.59 -6.47 30.16
CA VAL D 19 7.97 -5.96 30.07
C VAL D 19 8.97 -6.95 30.73
N VAL D 20 8.70 -7.44 31.96
CA VAL D 20 9.57 -8.38 32.69
C VAL D 20 9.71 -9.69 31.89
N VAL D 21 8.59 -10.19 31.31
CA VAL D 21 8.57 -11.39 30.48
C VAL D 21 9.40 -11.11 29.20
N TYR D 22 9.24 -9.91 28.60
CA TYR D 22 9.93 -9.45 27.40
C TYR D 22 11.47 -9.43 27.59
N LEU D 23 11.94 -9.01 28.78
CA LEU D 23 13.37 -8.97 29.10
C LEU D 23 13.95 -10.36 29.33
N VAL D 24 13.15 -11.29 29.89
CA VAL D 24 13.54 -12.68 30.10
C VAL D 24 13.62 -13.36 28.72
N THR D 25 12.59 -13.14 27.87
CA THR D 25 12.50 -13.64 26.48
C THR D 25 13.73 -13.14 25.71
N GLY D 26 13.95 -11.82 25.73
CA GLY D 26 15.07 -11.16 25.07
C GLY D 26 16.41 -11.66 25.55
N GLY D 27 16.56 -11.78 26.87
CA GLY D 27 17.76 -12.29 27.53
C GLY D 27 18.14 -13.68 27.10
N LEU D 28 17.13 -14.57 26.96
CA LEU D 28 17.29 -15.96 26.53
C LEU D 28 17.68 -16.04 25.05
N VAL D 29 17.10 -15.16 24.20
CA VAL D 29 17.39 -15.13 22.76
C VAL D 29 18.81 -14.60 22.52
N PHE D 30 19.21 -13.52 23.23
CA PHE D 30 20.55 -12.93 23.11
C PHE D 30 21.65 -13.90 23.55
N ARG D 31 21.47 -14.63 24.67
CA ARG D 31 22.45 -15.60 25.17
C ARG D 31 22.54 -16.81 24.21
N ALA D 32 21.43 -17.20 23.57
CA ALA D 32 21.41 -18.32 22.62
C ALA D 32 22.17 -17.95 21.34
N LEU D 33 22.12 -16.66 20.96
CA LEU D 33 22.78 -16.13 19.76
C LEU D 33 24.25 -15.76 19.98
N GLU D 34 24.59 -15.20 21.17
CA GLU D 34 25.91 -14.65 21.48
C GLU D 34 26.87 -15.55 22.26
N GLN D 35 26.40 -16.28 23.30
CA GLN D 35 27.25 -17.13 24.14
C GLN D 35 28.10 -18.13 23.32
N PRO D 36 27.62 -18.82 22.24
CA PRO D 36 28.50 -19.73 21.50
C PRO D 36 29.71 -19.02 20.86
N PHE D 37 29.49 -17.81 20.30
CA PHE D 37 30.55 -17.00 19.69
C PHE D 37 31.49 -16.44 20.77
N GLU D 38 30.93 -16.08 21.96
CA GLU D 38 31.67 -15.54 23.10
C GLU D 38 32.65 -16.58 23.60
N SER D 39 32.22 -17.86 23.67
CA SER D 39 33.04 -19.00 24.09
C SER D 39 34.04 -19.35 23.00
N SER D 40 33.67 -19.12 21.72
CA SER D 40 34.51 -19.37 20.54
C SER D 40 35.70 -18.41 20.48
N GLN D 41 35.47 -17.12 20.77
CA GLN D 41 36.56 -16.14 20.74
C GLN D 41 37.41 -16.23 22.03
N LYS D 42 36.81 -16.68 23.16
CA LYS D 42 37.49 -16.88 24.45
C LYS D 42 38.55 -17.98 24.33
N ASN D 43 38.27 -19.03 23.53
CA ASN D 43 39.19 -20.14 23.31
C ASN D 43 40.35 -19.75 22.37
N THR D 44 40.08 -18.83 21.40
CA THR D 44 41.09 -18.38 20.43
C THR D 44 42.09 -17.43 21.08
N ILE D 45 41.61 -16.47 21.91
CA ILE D 45 42.47 -15.51 22.59
C ILE D 45 43.35 -16.20 23.64
N ALA D 46 42.81 -17.26 24.31
CA ALA D 46 43.53 -18.04 25.33
C ALA D 46 44.73 -18.76 24.72
N LEU D 47 44.59 -19.24 23.47
CA LEU D 47 45.67 -19.93 22.74
C LEU D 47 46.69 -18.92 22.23
N GLU D 48 46.24 -17.75 21.71
CA GLU D 48 47.08 -16.68 21.18
C GLU D 48 48.00 -16.10 22.26
N LYS D 49 47.48 -15.95 23.49
CA LYS D 49 48.20 -15.46 24.67
C LYS D 49 49.20 -16.51 25.14
N ALA D 50 48.75 -17.80 25.22
CA ALA D 50 49.58 -18.93 25.65
C ALA D 50 50.75 -19.15 24.68
N GLU D 51 50.49 -18.98 23.36
CA GLU D 51 51.48 -19.11 22.27
C GLU D 51 52.52 -17.99 22.34
N PHE D 52 52.10 -16.81 22.83
CA PHE D 52 52.98 -15.65 22.99
C PHE D 52 53.98 -15.91 24.11
N LEU D 53 53.50 -16.41 25.27
CA LEU D 53 54.32 -16.71 26.45
C LEU D 53 55.30 -17.85 26.20
N ARG D 54 54.98 -18.77 25.26
CA ARG D 54 55.82 -19.91 24.89
C ARG D 54 56.97 -19.49 23.96
N ASP D 55 56.81 -18.32 23.29
CA ASP D 55 57.81 -17.77 22.36
C ASP D 55 58.60 -16.62 23.02
N HIS D 56 57.98 -15.96 24.02
CA HIS D 56 58.57 -14.85 24.77
C HIS D 56 58.65 -15.27 26.24
N VAL D 57 59.70 -16.05 26.56
CA VAL D 57 59.99 -16.65 27.87
C VAL D 57 60.32 -15.60 28.94
N CYS D 58 60.91 -14.46 28.53
CA CYS D 58 61.32 -13.35 29.40
C CYS D 58 60.08 -12.63 30.03
N VAL D 59 58.87 -12.85 29.46
CA VAL D 59 57.59 -12.29 29.91
C VAL D 59 56.87 -13.32 30.79
N SER D 60 56.38 -12.87 31.97
CA SER D 60 55.63 -13.71 32.91
C SER D 60 54.13 -13.67 32.53
N PRO D 61 53.30 -14.68 32.89
CA PRO D 61 51.87 -14.62 32.52
C PRO D 61 51.12 -13.46 33.18
N GLN D 62 51.57 -13.03 34.38
CA GLN D 62 50.98 -11.92 35.13
C GLN D 62 51.37 -10.57 34.51
N GLU D 63 52.65 -10.40 34.10
CA GLU D 63 53.10 -9.15 33.47
C GLU D 63 52.53 -9.00 32.06
N LEU D 64 51.99 -10.10 31.47
CA LEU D 64 51.30 -10.06 30.17
C LEU D 64 49.93 -9.46 30.38
N GLU D 65 49.23 -9.86 31.49
CA GLU D 65 47.91 -9.35 31.87
C GLU D 65 47.96 -7.84 32.14
N THR D 66 49.00 -7.41 32.89
CA THR D 66 49.26 -6.02 33.26
C THR D 66 49.40 -5.17 32.00
N LEU D 67 50.17 -5.65 30.99
CA LEU D 67 50.39 -4.96 29.71
C LEU D 67 49.08 -4.86 28.93
N ILE D 68 48.29 -5.95 28.88
CA ILE D 68 46.99 -5.95 28.19
C ILE D 68 46.07 -4.93 28.86
N GLN D 69 46.03 -4.94 30.22
CA GLN D 69 45.23 -4.01 31.02
C GLN D 69 45.62 -2.57 30.74
N HIS D 70 46.93 -2.26 30.67
CA HIS D 70 47.44 -0.93 30.35
C HIS D 70 46.99 -0.48 28.96
N ALA D 71 46.98 -1.42 27.99
CA ALA D 71 46.55 -1.16 26.62
C ALA D 71 45.06 -0.90 26.56
N LEU D 72 44.27 -1.67 27.34
CA LEU D 72 42.82 -1.54 27.39
C LEU D 72 42.41 -0.23 28.06
N ASP D 73 43.04 0.10 29.22
CA ASP D 73 42.78 1.33 29.97
C ASP D 73 43.07 2.57 29.13
N ALA D 74 44.07 2.49 28.24
CA ALA D 74 44.47 3.56 27.34
C ALA D 74 43.40 3.78 26.29
N ASP D 75 42.95 2.70 25.63
CA ASP D 75 41.92 2.75 24.60
C ASP D 75 40.58 3.18 25.18
N ASN D 76 40.26 2.71 26.41
CA ASN D 76 39.05 3.06 27.17
C ASN D 76 39.03 4.57 27.47
N ALA D 77 40.22 5.16 27.74
CA ALA D 77 40.39 6.60 27.98
C ALA D 77 40.25 7.40 26.67
N GLY D 78 40.52 6.74 25.54
CA GLY D 78 40.43 7.34 24.22
C GLY D 78 41.76 7.55 23.52
N VAL D 79 42.84 6.93 24.04
CA VAL D 79 44.19 7.02 23.49
C VAL D 79 44.58 5.65 22.93
N SER D 80 44.84 5.57 21.61
CA SER D 80 45.20 4.33 20.93
C SER D 80 46.54 3.80 21.45
N PRO D 81 46.59 2.55 21.98
CA PRO D 81 47.87 2.01 22.46
C PRO D 81 48.77 1.53 21.31
N ILE D 82 48.37 1.78 20.04
CA ILE D 82 49.12 1.39 18.85
C ILE D 82 49.94 2.61 18.36
N GLY D 83 51.26 2.44 18.35
CA GLY D 83 52.22 3.45 17.90
C GLY D 83 52.32 4.67 18.79
N ASN D 88 49.16 11.10 16.95
CA ASN D 88 49.29 12.44 16.40
C ASN D 88 47.93 13.19 16.38
N SER D 89 46.82 12.49 16.09
CA SER D 89 45.48 13.07 16.06
C SER D 89 44.86 13.11 17.47
N SER D 90 43.96 14.08 17.72
CA SER D 90 43.30 14.27 19.00
C SER D 90 41.79 13.98 18.93
N HIS D 91 41.23 13.52 20.06
CA HIS D 91 39.80 13.23 20.20
C HIS D 91 39.06 14.42 20.82
N TRP D 92 39.79 15.43 21.29
CA TRP D 92 39.20 16.61 21.90
C TRP D 92 39.53 17.89 21.11
N ASP D 93 39.56 17.80 19.76
CA ASP D 93 39.79 18.98 18.92
C ASP D 93 38.49 19.77 18.83
N LEU D 94 38.54 21.04 18.40
CA LEU D 94 37.36 21.93 18.28
C LEU D 94 36.16 21.22 17.62
N GLY D 95 36.42 20.48 16.53
CA GLY D 95 35.41 19.73 15.79
C GLY D 95 34.92 18.48 16.49
N SER D 96 35.85 17.64 16.96
CA SER D 96 35.56 16.37 17.65
C SER D 96 34.81 16.60 18.98
N ALA D 97 35.18 17.66 19.72
CA ALA D 97 34.56 18.04 20.99
C ALA D 97 33.17 18.62 20.77
N PHE D 98 32.94 19.22 19.58
CA PHE D 98 31.63 19.76 19.18
C PHE D 98 30.68 18.58 18.94
N PHE D 99 31.16 17.50 18.28
CA PHE D 99 30.38 16.30 18.04
C PHE D 99 30.11 15.60 19.38
N PHE D 100 31.10 15.55 20.30
CA PHE D 100 30.90 14.96 21.63
C PHE D 100 29.78 15.67 22.37
N ALA D 101 29.82 17.02 22.37
CA ALA D 101 28.81 17.86 23.01
C ALA D 101 27.42 17.45 22.51
N GLY D 102 27.32 17.21 21.20
CA GLY D 102 26.10 16.76 20.53
C GLY D 102 25.67 15.35 20.91
N THR D 103 26.62 14.50 21.32
CA THR D 103 26.37 13.12 21.74
C THR D 103 25.66 13.09 23.09
N VAL D 104 25.98 14.06 23.97
CA VAL D 104 25.40 14.20 25.31
C VAL D 104 23.94 14.67 25.20
N ILE D 105 23.71 15.78 24.48
CA ILE D 105 22.43 16.47 24.27
C ILE D 105 21.40 15.55 23.61
N THR D 106 21.80 14.76 22.59
CA THR D 106 20.90 13.83 21.91
C THR D 106 20.62 12.57 22.74
N THR D 107 21.31 12.41 23.90
CA THR D 107 21.26 11.27 24.85
C THR D 107 21.75 9.97 24.19
N ILE D 108 22.43 10.08 23.01
CA ILE D 108 22.98 8.92 22.28
C ILE D 108 24.11 8.32 23.12
N GLY D 109 25.02 9.19 23.59
CA GLY D 109 26.16 8.84 24.43
C GLY D 109 26.89 7.58 24.02
N TYR D 110 27.56 7.63 22.85
CA TYR D 110 28.32 6.50 22.29
C TYR D 110 29.27 5.89 23.32
N GLY D 111 30.12 6.73 23.91
CA GLY D 111 31.06 6.27 24.92
C GLY D 111 32.46 6.00 24.41
N ASN D 112 32.65 6.04 23.06
CA ASN D 112 33.97 5.86 22.42
C ASN D 112 34.90 6.98 22.93
N ILE D 113 34.32 8.16 23.19
CA ILE D 113 34.93 9.35 23.80
C ILE D 113 34.06 9.68 25.03
N ALA D 114 34.69 9.81 26.20
CA ALA D 114 34.01 10.12 27.48
C ALA D 114 34.89 11.00 28.36
N PRO D 115 34.32 11.92 29.20
CA PRO D 115 35.18 12.77 30.04
C PRO D 115 35.98 11.98 31.08
N SER D 116 37.32 12.14 31.02
CA SER D 116 38.29 11.45 31.88
C SER D 116 38.64 12.31 33.09
N THR D 117 38.75 13.64 32.89
CA THR D 117 39.08 14.64 33.92
C THR D 117 37.95 14.74 34.95
N GLU D 118 38.30 14.89 36.24
CA GLU D 118 37.37 15.05 37.36
C GLU D 118 36.45 16.26 37.10
N GLY D 119 37.06 17.36 36.64
CA GLY D 119 36.35 18.58 36.26
C GLY D 119 35.52 18.41 35.00
N GLY D 120 36.06 17.62 34.07
CA GLY D 120 35.40 17.28 32.82
C GLY D 120 34.12 16.50 33.05
N LYS D 121 34.10 15.69 34.13
CA LYS D 121 32.94 14.91 34.55
C LYS D 121 31.89 15.83 35.19
N ILE D 122 32.34 16.78 36.06
CA ILE D 122 31.50 17.79 36.73
C ILE D 122 30.74 18.61 35.67
N PHE D 123 31.47 19.15 34.67
CA PHE D 123 30.89 19.95 33.60
C PHE D 123 29.94 19.10 32.75
N CYS D 124 30.26 17.81 32.51
CA CYS D 124 29.41 16.90 31.73
C CYS D 124 28.06 16.68 32.43
N ILE D 125 28.05 16.62 33.78
CA ILE D 125 26.84 16.45 34.61
C ILE D 125 25.93 17.67 34.41
N LEU D 126 26.50 18.88 34.59
CA LEU D 126 25.78 20.15 34.45
C LEU D 126 25.35 20.40 33.00
N TYR D 127 26.20 20.03 32.03
CA TYR D 127 25.94 20.19 30.61
C TYR D 127 24.74 19.35 30.15
N ALA D 128 24.60 18.13 30.71
CA ALA D 128 23.51 17.22 30.40
C ALA D 128 22.20 17.69 31.01
N ILE D 129 22.20 18.06 32.31
CA ILE D 129 21.05 18.54 33.08
C ILE D 129 20.34 19.71 32.36
N PHE D 130 21.11 20.70 31.86
CA PHE D 130 20.56 21.86 31.17
C PHE D 130 20.47 21.67 29.65
N GLY D 131 21.36 20.87 29.07
CA GLY D 131 21.42 20.66 27.63
C GLY D 131 20.41 19.74 26.98
N ILE D 132 20.06 18.62 27.64
CA ILE D 132 19.10 17.64 27.13
C ILE D 132 17.69 18.29 26.99
N PRO D 133 17.15 19.08 27.97
CA PRO D 133 15.84 19.72 27.75
C PRO D 133 15.88 20.74 26.61
N LEU D 134 17.04 21.42 26.42
CA LEU D 134 17.27 22.40 25.36
C LEU D 134 17.10 21.74 23.99
N PHE D 135 17.52 20.47 23.86
CA PHE D 135 17.36 19.70 22.63
C PHE D 135 15.90 19.29 22.45
N GLY D 136 15.24 18.99 23.56
CA GLY D 136 13.83 18.61 23.58
C GLY D 136 12.97 19.69 22.99
N PHE D 137 13.28 20.96 23.32
CA PHE D 137 12.62 22.17 22.83
C PHE D 137 12.82 22.32 21.33
N LEU D 138 14.05 22.04 20.82
CA LEU D 138 14.38 22.13 19.39
C LEU D 138 13.69 21.02 18.61
N LEU D 139 13.70 19.78 19.16
CA LEU D 139 13.09 18.61 18.55
C LEU D 139 11.56 18.73 18.53
N ALA D 140 10.98 19.39 19.56
CA ALA D 140 9.53 19.65 19.62
C ALA D 140 9.16 20.73 18.62
N GLY D 141 10.06 21.70 18.43
CA GLY D 141 9.93 22.82 17.51
C GLY D 141 9.86 22.40 16.05
N ILE D 142 10.70 21.43 15.66
CA ILE D 142 10.71 20.87 14.31
C ILE D 142 9.54 19.89 14.16
N GLY D 143 9.23 19.15 15.23
CA GLY D 143 8.15 18.17 15.28
C GLY D 143 6.77 18.76 15.06
N ASP D 144 6.52 19.95 15.62
CA ASP D 144 5.25 20.69 15.52
C ASP D 144 5.06 21.25 14.11
N GLN D 145 6.15 21.68 13.45
CA GLN D 145 6.10 22.23 12.08
C GLN D 145 5.86 21.10 11.06
N LEU D 146 6.62 19.98 11.19
CA LEU D 146 6.52 18.82 10.32
C LEU D 146 5.21 18.06 10.53
N GLY D 147 4.65 18.14 11.75
CA GLY D 147 3.37 17.53 12.11
C GLY D 147 2.22 18.18 11.37
N THR D 148 2.36 19.49 11.08
CA THR D 148 1.40 20.29 10.33
C THR D 148 1.50 19.89 8.86
N ILE D 149 2.73 19.65 8.36
CA ILE D 149 3.03 19.21 6.99
C ILE D 149 2.44 17.80 6.76
N PHE D 150 2.59 16.90 7.76
CA PHE D 150 2.05 15.54 7.72
C PHE D 150 0.52 15.57 7.81
N GLY D 151 0.00 16.39 8.74
CA GLY D 151 -1.43 16.57 8.98
C GLY D 151 -2.20 17.10 7.78
N LYS D 152 -1.61 18.05 7.05
CA LYS D 152 -2.20 18.65 5.84
C LYS D 152 -2.20 17.65 4.68
N SER D 153 -1.20 16.73 4.64
CA SER D 153 -1.04 15.70 3.62
C SER D 153 -2.05 14.56 3.80
N ILE D 154 -2.40 14.21 5.07
CA ILE D 154 -3.37 13.15 5.37
C ILE D 154 -4.79 13.68 5.16
N VAL D 173 -4.05 5.77 9.11
CA VAL D 173 -3.20 4.58 9.34
C VAL D 173 -2.39 4.32 8.06
N ILE D 174 -3.05 4.37 6.88
CA ILE D 174 -2.42 4.17 5.56
C ILE D 174 -1.36 5.24 5.30
N SER D 175 -1.65 6.51 5.67
CA SER D 175 -0.73 7.64 5.53
C SER D 175 0.45 7.50 6.51
N THR D 176 0.18 7.09 7.77
CA THR D 176 1.17 6.90 8.84
C THR D 176 2.25 5.89 8.42
N ILE D 177 1.83 4.74 7.86
CA ILE D 177 2.70 3.66 7.37
C ILE D 177 3.57 4.18 6.21
N LEU D 178 2.98 5.06 5.36
CA LEU D 178 3.66 5.69 4.23
C LEU D 178 4.73 6.69 4.71
N PHE D 179 4.44 7.48 5.77
CA PHE D 179 5.40 8.43 6.34
C PHE D 179 6.57 7.73 7.03
N ILE D 180 6.31 6.54 7.63
CA ILE D 180 7.31 5.71 8.30
C ILE D 180 8.26 5.12 7.24
N LEU D 181 7.71 4.59 6.13
CA LEU D 181 8.47 4.01 5.03
C LEU D 181 9.16 5.09 4.18
N ALA D 182 8.61 6.34 4.16
CA ALA D 182 9.19 7.47 3.44
C ALA D 182 10.49 7.92 4.09
N GLY D 183 10.54 7.86 5.42
CA GLY D 183 11.72 8.20 6.22
C GLY D 183 12.68 7.02 6.35
N CYS D 184 12.15 5.80 6.13
CA CYS D 184 12.91 4.54 6.17
C CYS D 184 13.78 4.42 4.90
N ILE D 185 13.46 5.18 3.84
CA ILE D 185 14.18 5.19 2.57
C ILE D 185 15.10 6.43 2.46
N VAL D 186 14.75 7.54 3.14
CA VAL D 186 15.51 8.79 3.15
C VAL D 186 16.52 8.87 4.32
N PHE D 187 16.07 8.57 5.57
CA PHE D 187 16.92 8.69 6.76
C PHE D 187 17.46 7.35 7.32
N VAL D 188 17.04 6.19 6.76
CA VAL D 188 17.52 4.89 7.26
C VAL D 188 18.32 4.12 6.18
N THR D 189 17.71 3.82 5.00
CA THR D 189 18.34 3.06 3.91
C THR D 189 19.49 3.83 3.24
N ILE D 190 19.21 5.04 2.69
CA ILE D 190 20.17 5.89 1.99
C ILE D 190 21.41 6.25 2.87
N PRO D 191 21.29 6.73 4.15
CA PRO D 191 22.51 7.04 4.92
C PRO D 191 23.33 5.80 5.28
N ALA D 192 22.67 4.62 5.44
CA ALA D 192 23.33 3.34 5.74
C ALA D 192 24.24 2.92 4.57
N VAL D 193 23.79 3.20 3.33
CA VAL D 193 24.53 2.92 2.09
C VAL D 193 25.79 3.81 2.06
N ILE D 194 25.67 5.08 2.48
CA ILE D 194 26.78 6.06 2.55
C ILE D 194 27.82 5.56 3.57
N PHE D 195 27.38 5.11 4.75
CA PHE D 195 28.27 4.59 5.81
C PHE D 195 28.96 3.29 5.36
N LYS D 196 28.29 2.47 4.53
CA LYS D 196 28.83 1.21 4.00
C LYS D 196 30.02 1.49 3.07
N TYR D 197 29.92 2.57 2.26
CA TYR D 197 30.95 2.99 1.31
C TYR D 197 32.04 3.85 1.98
N ILE D 198 31.68 4.72 2.95
CA ILE D 198 32.64 5.59 3.62
C ILE D 198 33.40 4.84 4.73
N GLU D 199 32.70 4.35 5.77
CA GLU D 199 33.31 3.66 6.90
C GLU D 199 33.81 2.24 6.58
N GLY D 200 33.38 1.71 5.43
CA GLY D 200 33.77 0.38 4.96
C GLY D 200 33.17 -0.78 5.73
N TRP D 201 32.02 -0.55 6.40
CA TRP D 201 31.31 -1.57 7.18
C TRP D 201 30.55 -2.53 6.28
N THR D 202 30.01 -3.62 6.87
CA THR D 202 29.19 -4.59 6.14
C THR D 202 27.77 -4.01 6.01
N ALA D 203 26.93 -4.59 5.11
CA ALA D 203 25.55 -4.16 4.90
C ALA D 203 24.75 -4.12 6.21
N LEU D 204 24.93 -5.14 7.08
CA LEU D 204 24.28 -5.26 8.38
C LEU D 204 24.77 -4.19 9.34
N GLU D 205 26.10 -4.11 9.56
CA GLU D 205 26.78 -3.16 10.46
C GLU D 205 26.39 -1.70 10.19
N SER D 206 26.13 -1.37 8.91
CA SER D 206 25.70 -0.05 8.45
C SER D 206 24.27 0.23 8.91
N ILE D 207 23.32 -0.71 8.69
CA ILE D 207 21.92 -0.58 9.10
C ILE D 207 21.85 -0.58 10.63
N TYR D 208 22.57 -1.53 11.27
CA TYR D 208 22.69 -1.68 12.72
C TYR D 208 23.13 -0.37 13.35
N PHE D 209 24.16 0.31 12.78
CA PHE D 209 24.64 1.61 13.28
C PHE D 209 23.52 2.66 13.22
N VAL D 210 22.88 2.84 12.05
CA VAL D 210 21.80 3.79 11.82
C VAL D 210 20.64 3.58 12.85
N VAL D 211 20.21 2.31 13.05
CA VAL D 211 19.14 1.93 13.99
C VAL D 211 19.57 2.24 15.45
N VAL D 212 20.80 1.85 15.87
CA VAL D 212 21.34 2.08 17.22
C VAL D 212 21.57 3.59 17.46
N THR D 213 21.81 4.38 16.38
CA THR D 213 21.99 5.83 16.46
C THR D 213 20.64 6.54 16.66
N LEU D 214 19.67 6.31 15.75
CA LEU D 214 18.34 6.93 15.77
C LEU D 214 17.53 6.59 17.03
N THR D 215 17.65 5.35 17.56
CA THR D 215 16.95 4.93 18.79
C THR D 215 17.58 5.58 20.03
N THR D 216 18.70 6.32 19.84
CA THR D 216 19.52 7.01 20.85
C THR D 216 20.09 6.01 21.86
N VAL D 217 20.14 4.72 21.49
CA VAL D 217 20.71 3.64 22.31
C VAL D 217 22.22 3.93 22.40
N GLY D 218 22.83 4.17 21.23
CA GLY D 218 24.24 4.52 21.08
C GLY D 218 25.22 3.69 21.89
N PHE D 219 25.42 2.42 21.48
CA PHE D 219 26.34 1.51 22.17
C PHE D 219 27.78 2.01 22.08
N GLY D 220 28.17 2.51 20.91
CA GLY D 220 29.50 3.02 20.66
C GLY D 220 30.45 2.02 20.04
N ASP D 221 29.93 0.81 19.70
CA ASP D 221 30.70 -0.26 19.05
C ASP D 221 30.96 0.13 17.59
N PHE D 222 30.08 0.97 17.04
CA PHE D 222 30.16 1.54 15.71
C PHE D 222 29.90 3.03 15.83
N VAL D 223 30.90 3.84 15.46
CA VAL D 223 30.87 5.31 15.53
C VAL D 223 31.34 5.86 14.17
N ALA D 224 30.59 6.81 13.59
CA ALA D 224 30.93 7.44 12.31
C ALA D 224 32.20 8.30 12.43
N GLY D 225 33.17 8.01 11.55
CA GLY D 225 34.47 8.68 11.51
C GLY D 225 35.31 8.38 12.74
N GLY D 226 35.60 7.10 12.95
CA GLY D 226 36.35 6.64 14.11
C GLY D 226 37.61 5.85 13.80
N ASN D 227 37.74 5.36 12.55
CA ASN D 227 38.90 4.60 12.10
C ASN D 227 40.11 5.53 11.89
N ALA D 228 41.26 5.17 12.50
CA ALA D 228 42.51 5.91 12.41
C ALA D 228 43.05 5.90 10.97
N GLY D 229 42.81 4.79 10.25
CA GLY D 229 43.22 4.60 8.87
C GLY D 229 42.31 5.23 7.83
N ILE D 230 41.21 5.87 8.27
CA ILE D 230 40.24 6.53 7.40
C ILE D 230 40.59 8.01 7.24
N ASN D 231 40.70 8.49 5.99
CA ASN D 231 41.02 9.88 5.68
C ASN D 231 39.74 10.64 5.34
N ARG D 233 36.93 13.41 5.36
CA ARG D 233 36.78 14.83 5.07
C ARG D 233 36.38 15.63 6.32
N GLU D 234 36.61 16.96 6.31
CA GLU D 234 36.31 17.85 7.44
C GLU D 234 34.79 18.05 7.63
N TRP D 235 34.00 17.97 6.54
CA TRP D 235 32.55 18.15 6.55
C TRP D 235 31.78 16.91 7.03
N TYR D 236 32.47 15.75 7.18
CA TYR D 236 31.88 14.48 7.59
C TYR D 236 31.25 14.53 9.00
N LYS D 237 32.06 14.78 10.05
CA LYS D 237 31.64 14.88 11.47
C LYS D 237 30.43 15.83 11.67
N PRO D 238 30.39 17.08 11.13
CA PRO D 238 29.20 17.93 11.31
C PRO D 238 27.96 17.43 10.57
N LEU D 239 28.13 16.86 9.35
CA LEU D 239 27.03 16.33 8.52
C LEU D 239 26.35 15.12 9.20
N VAL D 240 27.12 14.28 9.91
CA VAL D 240 26.59 13.11 10.64
C VAL D 240 25.70 13.62 11.80
N TRP D 241 26.19 14.64 12.55
CA TRP D 241 25.45 15.30 13.65
C TRP D 241 24.20 16.03 13.12
N PHE D 242 24.26 16.54 11.87
CA PHE D 242 23.14 17.21 11.20
C PHE D 242 22.11 16.15 10.78
N TRP D 243 22.57 15.00 10.24
CA TRP D 243 21.72 13.87 9.84
C TRP D 243 20.97 13.34 11.06
N ILE D 244 21.65 13.30 12.22
CA ILE D 244 21.09 12.85 13.50
C ILE D 244 19.96 13.80 13.90
N LEU D 245 20.19 15.14 13.78
CA LEU D 245 19.21 16.17 14.12
C LEU D 245 17.95 16.07 13.25
N VAL D 246 18.13 16.02 11.90
CA VAL D 246 17.06 15.95 10.89
C VAL D 246 16.32 14.59 11.00
N GLY D 247 17.08 13.49 11.01
CA GLY D 247 16.57 12.12 11.10
C GLY D 247 15.75 11.85 12.33
N LEU D 248 16.18 12.39 13.50
CA LEU D 248 15.46 12.26 14.77
C LEU D 248 14.18 13.10 14.77
N ALA D 249 14.28 14.37 14.33
CA ALA D 249 13.17 15.33 14.25
C ALA D 249 12.05 14.83 13.35
N TYR D 250 12.40 14.12 12.25
CA TYR D 250 11.44 13.57 11.29
C TYR D 250 10.59 12.46 11.94
N PHE D 251 11.23 11.47 12.58
CA PHE D 251 10.53 10.36 13.22
C PHE D 251 9.76 10.83 14.47
N ALA D 252 10.29 11.86 15.17
CA ALA D 252 9.65 12.46 16.34
C ALA D 252 8.36 13.18 15.92
N ALA D 253 8.38 13.83 14.72
CA ALA D 253 7.25 14.56 14.13
C ALA D 253 6.12 13.61 13.72
N VAL D 254 6.44 12.38 13.26
CA VAL D 254 5.47 11.35 12.87
C VAL D 254 4.74 10.89 14.15
N LEU D 255 5.50 10.78 15.27
CA LEU D 255 4.96 10.42 16.59
C LEU D 255 4.12 11.59 17.13
N SER D 256 4.56 12.84 16.85
CA SER D 256 3.89 14.09 17.23
C SER D 256 2.58 14.26 16.45
N MET D 257 2.53 13.82 15.17
CA MET D 257 1.33 13.87 14.32
C MET D 257 0.31 12.87 14.84
N ILE D 258 0.80 11.73 15.40
CA ILE D 258 -0.03 10.69 16.02
C ILE D 258 -0.54 11.20 17.38
N GLY D 259 0.35 11.91 18.12
CA GLY D 259 0.06 12.51 19.42
C GLY D 259 -1.00 13.60 19.35
N ASP D 260 -0.94 14.45 18.29
CA ASP D 260 -1.88 15.55 18.04
C ASP D 260 -3.26 15.02 17.66
N TRP D 261 -3.32 13.88 16.95
CA TRP D 261 -4.56 13.22 16.55
C TRP D 261 -5.28 12.59 17.75
N LEU D 262 -4.50 12.01 18.69
CA LEU D 262 -5.00 11.38 19.92
C LEU D 262 -5.58 12.43 20.89
N ARG D 263 -5.01 13.67 20.88
CA ARG D 263 -5.46 14.81 21.69
C ARG D 263 -6.82 15.31 21.18
N VAL D 264 -7.04 15.24 19.84
CA VAL D 264 -8.29 15.60 19.18
C VAL D 264 -9.37 14.58 19.53
N LEU D 265 -8.97 13.28 19.64
CA LEU D 265 -9.84 12.16 20.01
C LEU D 265 -10.32 12.28 21.47
N SER D 266 -9.42 12.74 22.37
CA SER D 266 -9.72 12.94 23.80
C SER D 266 -10.67 14.13 23.99
N LYS D 267 -10.51 15.18 23.15
CA LYS D 267 -11.34 16.41 23.14
C LYS D 267 -12.82 16.08 22.87
N LYS D 268 -13.09 14.99 22.12
CA LYS D 268 -14.43 14.51 21.80
C LYS D 268 -14.98 13.65 22.94
N THR D 269 -14.09 12.89 23.62
CA THR D 269 -14.42 12.02 24.75
C THR D 269 -14.83 12.82 25.99
N LYS D 270 -14.16 13.97 26.24
CA LYS D 270 -14.44 14.88 27.36
C LYS D 270 -15.77 15.61 27.18
N GLU D 271 -16.17 15.87 25.91
CA GLU D 271 -17.41 16.55 25.55
C GLU D 271 -18.61 15.62 25.73
#